data_1EQG
#
_entry.id   1EQG
#
_cell.length_a   98.650
_cell.length_b   204.990
_cell.length_c   221.960
_cell.angle_alpha   90.00
_cell.angle_beta   90.00
_cell.angle_gamma   90.00
#
_symmetry.space_group_name_H-M   'I 2 2 2'
#
loop_
_entity.id
_entity.type
_entity.pdbx_description
1 polymer 'PROSTAGLANDIN H2 SYNTHASE-1'
2 non-polymer 2-acetamido-2-deoxy-beta-D-glucopyranose
3 non-polymer 'octyl beta-D-glucopyranoside'
4 non-polymer 'PROTOPORPHYRIN IX CONTAINING FE'
5 non-polymer IBUPROFEN
6 water water
#
_entity_poly.entity_id   1
_entity_poly.type   'polypeptide(L)'
_entity_poly.pdbx_seq_one_letter_code
;PVFSADPGAPAPVNPCCYYPCQHQGICVRFGLDRYQCDCTRTGYSGPNCTIPEIWTWLRTTLRPSPSFIHFLLTHGRWLW
DFVNATFIRDTLMRLVLTVRSNLIPSPPTYNIAHDYISWESFSNVSYYTRILPSVPRDCPTPMGTKGKKQLPDAEFLSRR
FLLRRKFIPDPQGTNLMFAFFAQHFTHQFFKTSGKMGPGFTKALGHGVDLGHIYGDNLERQYQLRLFKDGKLKYQMLNGE
VYPPSVEEAPVLMHYPRGIPPQSQMAVGQEVFGLLPGLMLYATIWLREHNRVCDLLKAEHPTWGDEQLFQTARLILIGET
IKIVIEEYVQQLSGYFLQLKFDPELLFGAQFQYRNRIAMEFNQLYHWHPLMPDSFRVGPQDYSYEQFLFNTSMLVDYGVE
ALVDAFSRQPAGRIGGGRNIDHHILHVAVDVIKESRVLRLQPFNEYRKRFGMKPYTSFQELTGEKEMAAELEELYGDIDA
LEFYPGLLLEKCHPNSIFGESMIEMGAPFSLKGLLGNPICSPEYWKASTFGGEVGFNLVKTATLKKLVCLNTKTCPYVSF
HVPDPRQEDRPGVERPPTEL
;
_entity_poly.pdbx_strand_id   A,B
#
# COMPACT_ATOMS: atom_id res chain seq x y z
N VAL A 13 -10.32 -30.57 -21.97
CA VAL A 13 -10.58 -29.12 -22.16
C VAL A 13 -10.84 -28.41 -20.83
N ASN A 14 -9.99 -27.42 -20.54
CA ASN A 14 -10.07 -26.64 -19.30
C ASN A 14 -11.46 -26.01 -19.17
N PRO A 15 -12.24 -26.46 -18.18
CA PRO A 15 -13.59 -25.93 -17.95
C PRO A 15 -13.64 -24.43 -17.72
N CYS A 16 -12.60 -23.84 -17.13
CA CYS A 16 -12.61 -22.42 -16.88
C CYS A 16 -12.57 -21.60 -18.17
N CYS A 17 -12.31 -22.25 -19.29
CA CYS A 17 -12.27 -21.56 -20.57
C CYS A 17 -13.67 -21.08 -20.93
N TYR A 18 -14.67 -21.72 -20.35
CA TYR A 18 -16.06 -21.36 -20.61
C TYR A 18 -16.51 -20.17 -19.77
N TYR A 19 -15.65 -19.71 -18.85
CA TYR A 19 -15.99 -18.60 -17.98
C TYR A 19 -17.32 -18.93 -17.31
N PRO A 20 -17.42 -20.10 -16.68
CA PRO A 20 -18.66 -20.51 -16.02
C PRO A 20 -19.12 -19.67 -14.84
N CYS A 21 -18.16 -19.19 -14.05
CA CYS A 21 -18.49 -18.41 -12.86
C CYS A 21 -18.97 -17.01 -13.19
N GLN A 22 -20.17 -16.68 -12.74
CA GLN A 22 -20.74 -15.35 -12.98
C GLN A 22 -20.58 -14.47 -11.75
N HIS A 23 -20.96 -13.20 -11.91
CA HIS A 23 -20.92 -12.20 -10.86
C HIS A 23 -19.68 -12.18 -9.97
N GLN A 24 -18.52 -12.16 -10.59
CA GLN A 24 -17.25 -12.12 -9.89
C GLN A 24 -16.89 -13.38 -9.11
N GLY A 25 -17.57 -14.49 -9.43
CA GLY A 25 -17.23 -15.74 -8.77
C GLY A 25 -15.89 -16.16 -9.34
N ILE A 26 -15.09 -16.88 -8.56
CA ILE A 26 -13.75 -17.29 -8.98
C ILE A 26 -13.63 -18.75 -9.43
N CYS A 27 -13.21 -18.94 -10.68
CA CYS A 27 -13.07 -20.28 -11.25
C CYS A 27 -11.76 -20.94 -10.83
N VAL A 28 -11.88 -22.09 -10.17
CA VAL A 28 -10.71 -22.82 -9.74
C VAL A 28 -10.77 -24.28 -10.22
N ARG A 29 -9.66 -24.71 -10.79
CA ARG A 29 -9.50 -26.06 -11.30
C ARG A 29 -9.41 -27.03 -10.12
N PHE A 30 -10.15 -28.13 -10.17
CA PHE A 30 -10.13 -29.13 -9.11
C PHE A 30 -10.05 -30.52 -9.73
N GLY A 31 -9.24 -31.39 -9.14
CA GLY A 31 -9.11 -32.72 -9.70
C GLY A 31 -8.60 -32.61 -11.11
N LEU A 32 -8.62 -33.71 -11.85
CA LEU A 32 -8.13 -33.71 -13.23
C LEU A 32 -8.96 -32.91 -14.21
N ASP A 33 -10.27 -32.87 -14.02
CA ASP A 33 -11.11 -32.16 -14.97
C ASP A 33 -12.32 -31.40 -14.46
N ARG A 34 -12.42 -31.23 -13.14
CA ARG A 34 -13.56 -30.51 -12.58
C ARG A 34 -13.21 -29.05 -12.34
N TYR A 35 -14.19 -28.26 -11.94
CA TYR A 35 -13.98 -26.85 -11.63
C TYR A 35 -14.98 -26.47 -10.56
N GLN A 36 -14.66 -25.43 -9.79
CA GLN A 36 -15.59 -24.95 -8.76
C GLN A 36 -15.56 -23.45 -8.77
N CYS A 37 -16.67 -22.83 -8.37
CA CYS A 37 -16.74 -21.38 -8.32
C CYS A 37 -16.86 -20.93 -6.86
N ASP A 38 -15.98 -20.03 -6.45
CA ASP A 38 -16.01 -19.52 -5.09
C ASP A 38 -16.92 -18.30 -5.16
N CYS A 39 -18.18 -18.44 -4.72
CA CYS A 39 -19.14 -17.35 -4.78
C CYS A 39 -19.14 -16.45 -3.55
N THR A 40 -18.14 -16.63 -2.69
CA THR A 40 -18.05 -15.83 -1.47
C THR A 40 -18.31 -14.35 -1.69
N ARG A 41 -19.30 -13.82 -0.98
CA ARG A 41 -19.64 -12.41 -1.02
C ARG A 41 -20.04 -11.84 -2.38
N THR A 42 -20.48 -12.68 -3.30
CA THR A 42 -20.88 -12.16 -4.61
C THR A 42 -22.36 -11.79 -4.63
N GLY A 43 -23.10 -12.25 -3.63
CA GLY A 43 -24.52 -11.99 -3.57
C GLY A 43 -25.30 -13.11 -4.22
N TYR A 44 -24.57 -14.09 -4.74
CA TYR A 44 -25.18 -15.24 -5.40
C TYR A 44 -24.62 -16.55 -4.87
N SER A 45 -25.31 -17.63 -5.16
CA SER A 45 -24.86 -18.96 -4.77
C SER A 45 -25.11 -19.88 -5.97
N GLY A 46 -24.85 -21.17 -5.80
CA GLY A 46 -25.04 -22.09 -6.90
C GLY A 46 -23.74 -22.49 -7.56
N PRO A 47 -23.74 -23.53 -8.40
CA PRO A 47 -22.51 -23.98 -9.07
C PRO A 47 -21.77 -22.86 -9.79
N ASN A 48 -22.52 -21.94 -10.39
CA ASN A 48 -21.93 -20.83 -11.13
C ASN A 48 -22.21 -19.45 -10.57
N CYS A 49 -22.64 -19.40 -9.31
CA CYS A 49 -22.95 -18.13 -8.67
C CYS A 49 -24.02 -17.37 -9.46
N THR A 50 -25.17 -17.98 -9.71
CA THR A 50 -26.24 -17.33 -10.48
C THR A 50 -27.55 -17.25 -9.70
N ILE A 51 -27.66 -18.01 -8.61
CA ILE A 51 -28.86 -17.99 -7.78
C ILE A 51 -28.69 -16.84 -6.79
N PRO A 52 -29.42 -15.75 -6.99
CA PRO A 52 -29.34 -14.57 -6.13
C PRO A 52 -29.99 -14.63 -4.76
N GLU A 53 -29.46 -13.84 -3.84
CA GLU A 53 -30.01 -13.74 -2.51
C GLU A 53 -31.10 -12.68 -2.68
N ILE A 54 -32.10 -12.71 -1.80
CA ILE A 54 -33.21 -11.77 -1.92
C ILE A 54 -32.81 -10.31 -2.12
N TRP A 55 -31.85 -9.84 -1.34
CA TRP A 55 -31.41 -8.45 -1.47
C TRP A 55 -30.72 -8.20 -2.80
N THR A 56 -29.94 -9.17 -3.24
CA THR A 56 -29.22 -9.05 -4.49
C THR A 56 -30.23 -8.88 -5.63
N TRP A 57 -31.29 -9.68 -5.60
CA TRP A 57 -32.33 -9.66 -6.62
C TRP A 57 -33.07 -8.33 -6.68
N LEU A 58 -33.36 -7.77 -5.51
CA LEU A 58 -34.05 -6.49 -5.46
C LEU A 58 -33.22 -5.40 -6.11
N ARG A 59 -31.93 -5.32 -5.73
CA ARG A 59 -31.02 -4.33 -6.28
C ARG A 59 -30.90 -4.40 -7.79
N THR A 60 -30.69 -5.60 -8.32
CA THR A 60 -30.51 -5.77 -9.76
C THR A 60 -31.71 -5.44 -10.65
N THR A 61 -32.92 -5.68 -10.15
CA THR A 61 -34.12 -5.42 -10.92
C THR A 61 -34.61 -3.97 -10.76
N LEU A 62 -34.37 -3.39 -9.59
CA LEU A 62 -34.78 -2.02 -9.33
C LEU A 62 -33.78 -1.00 -9.86
N ARG A 63 -32.68 -1.46 -10.45
CA ARG A 63 -31.68 -0.52 -10.96
C ARG A 63 -31.87 -0.19 -12.44
N PRO A 64 -31.92 1.10 -12.77
CA PRO A 64 -32.10 1.50 -14.17
C PRO A 64 -30.84 1.21 -14.97
N SER A 65 -30.98 1.06 -16.28
CA SER A 65 -29.84 0.77 -17.14
C SER A 65 -28.87 1.94 -17.23
N PRO A 66 -27.61 1.66 -17.58
CA PRO A 66 -26.59 2.70 -17.71
C PRO A 66 -27.09 3.79 -18.67
N SER A 67 -27.85 3.34 -19.67
CA SER A 67 -28.39 4.21 -20.69
C SER A 67 -29.45 5.16 -20.16
N PHE A 68 -30.25 4.68 -19.20
CA PHE A 68 -31.32 5.49 -18.61
C PHE A 68 -30.78 6.51 -17.62
N ILE A 69 -29.81 6.09 -16.81
CA ILE A 69 -29.20 6.96 -15.83
C ILE A 69 -28.47 8.08 -16.58
N HIS A 70 -27.82 7.71 -17.68
CA HIS A 70 -27.11 8.68 -18.49
C HIS A 70 -28.10 9.73 -18.99
N PHE A 71 -29.29 9.27 -19.36
CA PHE A 71 -30.33 10.16 -19.83
C PHE A 71 -30.69 11.20 -18.76
N LEU A 72 -31.00 10.70 -17.58
CA LEU A 72 -31.34 11.56 -16.44
C LEU A 72 -30.27 12.61 -16.14
N LEU A 73 -29.01 12.21 -16.29
CA LEU A 73 -27.89 13.11 -16.02
C LEU A 73 -27.61 14.17 -17.07
N THR A 74 -28.16 14.00 -18.27
CA THR A 74 -27.93 14.96 -19.35
C THR A 74 -29.21 15.64 -19.79
N HIS A 75 -30.18 15.70 -18.87
CA HIS A 75 -31.49 16.30 -19.13
C HIS A 75 -32.03 17.01 -17.88
N GLY A 76 -32.95 17.95 -18.09
CA GLY A 76 -33.56 18.69 -17.01
C GLY A 76 -32.64 19.61 -16.23
N ARG A 77 -31.86 20.43 -16.95
CA ARG A 77 -30.92 21.36 -16.31
C ARG A 77 -31.54 22.11 -15.13
N TRP A 78 -32.67 22.76 -15.36
CA TRP A 78 -33.36 23.52 -14.33
C TRP A 78 -33.43 22.75 -13.02
N LEU A 79 -33.70 21.45 -13.11
CA LEU A 79 -33.80 20.61 -11.92
C LEU A 79 -32.42 20.42 -11.27
N TRP A 80 -31.44 20.07 -12.10
CA TRP A 80 -30.08 19.85 -11.62
C TRP A 80 -29.48 21.11 -10.99
N ASP A 81 -29.82 22.27 -11.54
CA ASP A 81 -29.30 23.52 -11.00
C ASP A 81 -29.74 23.65 -9.55
N PHE A 82 -30.98 23.25 -9.28
CA PHE A 82 -31.49 23.29 -7.92
C PHE A 82 -30.68 22.33 -7.08
N VAL A 83 -30.58 21.08 -7.54
CA VAL A 83 -29.83 20.04 -6.84
C VAL A 83 -28.37 20.40 -6.58
N ASN A 84 -27.69 20.94 -7.58
CA ASN A 84 -26.28 21.29 -7.41
C ASN A 84 -25.98 22.32 -6.34
N ALA A 85 -27.01 23.01 -5.85
CA ALA A 85 -26.79 24.01 -4.81
C ALA A 85 -27.19 23.52 -3.42
N THR A 86 -27.48 22.22 -3.29
CA THR A 86 -27.87 21.65 -2.00
C THR A 86 -26.99 20.49 -1.57
N PHE A 87 -27.38 19.83 -0.50
CA PHE A 87 -26.62 18.70 0.01
C PHE A 87 -26.83 17.48 -0.89
N ILE A 88 -27.87 17.51 -1.71
CA ILE A 88 -28.14 16.39 -2.61
C ILE A 88 -26.96 16.22 -3.56
N ARG A 89 -26.27 17.31 -3.85
CA ARG A 89 -25.10 17.26 -4.72
C ARG A 89 -24.09 16.28 -4.09
N ASP A 90 -23.83 16.49 -2.80
CA ASP A 90 -22.91 15.65 -2.03
C ASP A 90 -23.36 14.19 -2.02
N THR A 91 -24.61 13.99 -1.59
CA THR A 91 -25.18 12.66 -1.53
C THR A 91 -24.95 11.90 -2.83
N LEU A 92 -25.19 12.57 -3.96
CA LEU A 92 -25.01 11.93 -5.25
C LEU A 92 -23.55 11.67 -5.60
N MET A 93 -22.67 12.63 -5.32
CA MET A 93 -21.26 12.45 -5.64
C MET A 93 -20.73 11.26 -4.84
N ARG A 94 -21.13 11.17 -3.58
CA ARG A 94 -20.71 10.08 -2.71
C ARG A 94 -21.22 8.78 -3.32
N LEU A 95 -22.48 8.80 -3.77
CA LEU A 95 -23.07 7.62 -4.37
C LEU A 95 -22.21 7.18 -5.57
N VAL A 96 -21.90 8.14 -6.44
CA VAL A 96 -21.09 7.88 -7.62
C VAL A 96 -19.74 7.32 -7.24
N LEU A 97 -19.11 7.92 -6.24
CA LEU A 97 -17.80 7.50 -5.77
C LEU A 97 -17.77 6.06 -5.25
N THR A 98 -18.69 5.72 -4.36
CA THR A 98 -18.72 4.38 -3.79
C THR A 98 -19.15 3.29 -4.76
N VAL A 99 -20.25 3.52 -5.48
CA VAL A 99 -20.72 2.52 -6.43
C VAL A 99 -19.70 2.23 -7.53
N ARG A 100 -19.06 3.26 -8.08
CA ARG A 100 -18.06 3.03 -9.13
C ARG A 100 -16.83 2.34 -8.53
N SER A 101 -16.40 2.78 -7.36
CA SER A 101 -15.23 2.21 -6.70
C SER A 101 -15.33 0.76 -6.28
N ASN A 102 -16.45 0.33 -5.72
CA ASN A 102 -16.59 -1.06 -5.27
C ASN A 102 -16.35 -2.06 -6.38
N LEU A 103 -16.29 -1.58 -7.61
CA LEU A 103 -16.10 -2.43 -8.78
C LEU A 103 -14.63 -2.74 -9.05
N ILE A 104 -13.73 -2.11 -8.29
CA ILE A 104 -12.30 -2.31 -8.43
C ILE A 104 -11.73 -3.05 -7.22
N PRO A 105 -11.09 -4.20 -7.46
CA PRO A 105 -10.50 -5.00 -6.38
C PRO A 105 -9.48 -4.16 -5.62
N SER A 106 -9.47 -4.29 -4.29
CA SER A 106 -8.54 -3.54 -3.45
C SER A 106 -8.49 -4.14 -2.05
N PRO A 107 -7.36 -4.74 -1.65
CA PRO A 107 -6.08 -4.94 -2.35
C PRO A 107 -6.19 -5.49 -3.77
N PRO A 108 -5.20 -5.16 -4.62
CA PRO A 108 -5.19 -5.62 -6.01
C PRO A 108 -5.23 -7.14 -6.08
N THR A 109 -5.61 -7.64 -7.25
CA THR A 109 -5.82 -9.06 -7.47
C THR A 109 -4.77 -9.81 -8.32
N TYR A 110 -4.96 -9.91 -9.64
CA TYR A 110 -4.02 -10.65 -10.47
C TYR A 110 -3.08 -9.78 -11.29
N ASN A 111 -2.11 -10.43 -11.92
CA ASN A 111 -1.17 -9.76 -12.81
C ASN A 111 -0.81 -10.72 -13.96
N ILE A 112 -0.05 -10.22 -14.94
CA ILE A 112 0.31 -11.03 -16.11
C ILE A 112 0.89 -12.40 -15.81
N ALA A 113 1.49 -12.56 -14.63
CA ALA A 113 2.10 -13.83 -14.26
C ALA A 113 1.23 -14.72 -13.40
N HIS A 114 0.30 -14.12 -12.66
CA HIS A 114 -0.57 -14.90 -11.78
C HIS A 114 -2.06 -14.65 -11.95
N ASP A 115 -2.78 -15.67 -12.41
CA ASP A 115 -4.22 -15.55 -12.58
C ASP A 115 -4.89 -16.02 -11.28
N TYR A 116 -4.29 -15.61 -10.17
CA TYR A 116 -4.77 -15.95 -8.84
C TYR A 116 -4.07 -15.07 -7.83
N ILE A 117 -4.70 -14.87 -6.68
CA ILE A 117 -4.10 -14.04 -5.64
C ILE A 117 -2.79 -14.67 -5.15
N SER A 118 -1.79 -13.84 -4.93
CA SER A 118 -0.50 -14.31 -4.43
C SER A 118 0.21 -13.19 -3.73
N TRP A 119 1.15 -13.52 -2.85
CA TRP A 119 1.88 -12.48 -2.13
C TRP A 119 2.75 -11.68 -3.12
N GLU A 120 3.20 -12.36 -4.16
CA GLU A 120 4.03 -11.73 -5.18
C GLU A 120 3.20 -10.71 -5.96
N SER A 121 1.97 -11.06 -6.30
CA SER A 121 1.12 -10.12 -7.02
C SER A 121 0.81 -8.89 -6.17
N PHE A 122 0.64 -9.10 -4.87
CA PHE A 122 0.35 -8.00 -3.97
C PHE A 122 1.53 -7.06 -3.67
N SER A 123 2.72 -7.63 -3.49
CA SER A 123 3.85 -6.77 -3.14
C SER A 123 4.67 -6.23 -4.30
N ASN A 124 4.62 -6.92 -5.43
CA ASN A 124 5.39 -6.53 -6.61
C ASN A 124 4.81 -5.45 -7.49
N VAL A 125 5.17 -4.22 -7.17
CA VAL A 125 4.69 -3.04 -7.88
C VAL A 125 5.13 -2.84 -9.34
N SER A 126 6.06 -3.65 -9.84
CA SER A 126 6.48 -3.48 -11.22
C SER A 126 5.44 -4.06 -12.19
N TYR A 127 4.45 -4.76 -11.65
CA TYR A 127 3.39 -5.37 -12.46
C TYR A 127 2.16 -4.50 -12.50
N TYR A 128 1.51 -4.42 -13.66
CA TYR A 128 0.24 -3.72 -13.75
C TYR A 128 -0.68 -4.81 -13.19
N THR A 129 -1.81 -4.47 -12.61
CA THR A 129 -2.70 -5.52 -12.13
C THR A 129 -3.70 -5.75 -13.25
N ARG A 130 -4.65 -6.66 -13.02
CA ARG A 130 -5.67 -6.94 -14.02
C ARG A 130 -6.95 -7.33 -13.31
N ILE A 131 -8.09 -6.89 -13.84
CA ILE A 131 -9.38 -7.17 -13.22
C ILE A 131 -9.91 -8.56 -13.46
N LEU A 132 -9.74 -9.04 -14.69
CA LEU A 132 -10.18 -10.38 -15.03
C LEU A 132 -8.93 -11.20 -15.30
N PRO A 133 -8.93 -12.48 -14.90
CA PRO A 133 -7.76 -13.33 -15.15
C PRO A 133 -7.60 -13.49 -16.66
N SER A 134 -6.44 -13.95 -17.09
CA SER A 134 -6.20 -14.12 -18.51
C SER A 134 -7.01 -15.28 -19.08
N VAL A 135 -7.04 -15.35 -20.40
CA VAL A 135 -7.70 -16.44 -21.09
C VAL A 135 -6.69 -17.59 -20.92
N PRO A 136 -7.08 -18.64 -20.20
CA PRO A 136 -6.15 -19.76 -19.99
C PRO A 136 -5.45 -20.16 -21.29
N ARG A 137 -4.13 -20.29 -21.23
CA ARG A 137 -3.32 -20.66 -22.39
C ARG A 137 -3.73 -21.95 -23.10
N ASP A 138 -4.36 -22.88 -22.38
CA ASP A 138 -4.77 -24.14 -22.97
C ASP A 138 -6.22 -24.21 -23.45
N CYS A 139 -6.78 -23.07 -23.81
CA CYS A 139 -8.16 -23.04 -24.29
C CYS A 139 -8.25 -23.36 -25.78
N PRO A 140 -9.39 -23.90 -26.23
CA PRO A 140 -9.63 -24.26 -27.64
C PRO A 140 -9.36 -23.10 -28.60
N THR A 141 -9.83 -21.91 -28.23
CA THR A 141 -9.64 -20.72 -29.06
C THR A 141 -8.90 -19.64 -28.30
N PRO A 142 -8.33 -18.67 -29.03
CA PRO A 142 -7.59 -17.58 -28.41
C PRO A 142 -8.39 -16.80 -27.38
N MET A 143 -9.71 -16.75 -27.56
CA MET A 143 -10.58 -16.01 -26.66
C MET A 143 -11.30 -16.90 -25.64
N GLY A 144 -11.06 -18.20 -25.71
CA GLY A 144 -11.71 -19.13 -24.79
C GLY A 144 -12.24 -20.32 -25.54
N THR A 145 -13.52 -20.28 -25.90
CA THR A 145 -14.12 -21.37 -26.66
C THR A 145 -14.95 -20.83 -27.81
N LYS A 146 -14.86 -19.53 -28.06
CA LYS A 146 -15.61 -18.92 -29.14
C LYS A 146 -14.70 -18.25 -30.17
N GLY A 147 -15.23 -18.01 -31.36
CA GLY A 147 -14.44 -17.38 -32.41
C GLY A 147 -13.66 -18.40 -33.22
N LYS A 148 -12.79 -17.90 -34.09
CA LYS A 148 -11.97 -18.76 -34.94
C LYS A 148 -10.66 -19.13 -34.26
N LYS A 149 -9.94 -20.09 -34.83
CA LYS A 149 -8.66 -20.51 -34.28
C LYS A 149 -7.64 -19.39 -34.34
N GLN A 150 -7.85 -18.45 -35.27
CA GLN A 150 -6.93 -17.34 -35.41
C GLN A 150 -7.70 -16.02 -35.40
N LEU A 151 -7.22 -15.07 -34.61
CA LEU A 151 -7.86 -13.77 -34.49
C LEU A 151 -7.65 -12.91 -35.75
N PRO A 152 -8.53 -11.94 -35.98
CA PRO A 152 -8.41 -11.07 -37.15
C PRO A 152 -7.06 -10.35 -37.12
N ASP A 153 -6.48 -10.12 -38.29
CA ASP A 153 -5.20 -9.42 -38.37
C ASP A 153 -5.32 -8.02 -37.77
N ALA A 154 -4.49 -7.74 -36.76
CA ALA A 154 -4.49 -6.43 -36.09
C ALA A 154 -4.40 -5.25 -37.05
N GLU A 155 -3.47 -5.32 -37.99
CA GLU A 155 -3.28 -4.28 -38.99
C GLU A 155 -4.58 -4.01 -39.75
N PHE A 156 -5.11 -5.08 -40.34
CA PHE A 156 -6.34 -5.03 -41.12
C PHE A 156 -7.53 -4.47 -40.34
N LEU A 157 -7.70 -4.97 -39.11
CA LEU A 157 -8.79 -4.54 -38.25
C LEU A 157 -8.72 -3.02 -38.06
N SER A 158 -7.51 -2.51 -37.88
CA SER A 158 -7.31 -1.08 -37.68
C SER A 158 -7.62 -0.24 -38.91
N ARG A 159 -7.10 -0.65 -40.06
CA ARG A 159 -7.36 0.11 -41.29
C ARG A 159 -8.83 0.11 -41.64
N ARG A 160 -9.47 -1.04 -41.46
CA ARG A 160 -10.88 -1.23 -41.76
C ARG A 160 -11.82 -0.46 -40.84
N PHE A 161 -11.59 -0.55 -39.53
CA PHE A 161 -12.49 0.08 -38.59
C PHE A 161 -11.98 1.21 -37.70
N LEU A 162 -10.69 1.45 -37.66
CA LEU A 162 -10.20 2.51 -36.78
C LEU A 162 -9.57 3.70 -37.50
N LEU A 163 -9.13 3.49 -38.73
CA LEU A 163 -8.49 4.55 -39.51
C LEU A 163 -9.43 5.71 -39.80
N ARG A 164 -8.93 6.92 -39.68
CA ARG A 164 -9.71 8.09 -39.96
C ARG A 164 -9.74 8.37 -41.46
N ARG A 165 -10.92 8.68 -41.96
CA ARG A 165 -11.09 9.00 -43.36
C ARG A 165 -11.41 10.49 -43.33
N LYS A 166 -12.54 10.84 -42.72
CA LYS A 166 -12.95 12.23 -42.59
C LYS A 166 -12.91 12.57 -41.09
N PHE A 167 -12.29 13.67 -40.73
CA PHE A 167 -12.19 14.06 -39.33
C PHE A 167 -13.56 14.26 -38.71
N ILE A 168 -13.82 13.54 -37.61
CA ILE A 168 -15.08 13.64 -36.90
C ILE A 168 -14.81 14.33 -35.57
N PRO A 169 -15.24 15.59 -35.43
CA PRO A 169 -15.00 16.30 -34.17
C PRO A 169 -15.87 15.75 -33.06
N ASP A 170 -15.44 15.96 -31.82
CA ASP A 170 -16.22 15.51 -30.68
C ASP A 170 -17.45 16.38 -30.52
N PRO A 171 -18.64 15.78 -30.59
CA PRO A 171 -19.86 16.58 -30.44
C PRO A 171 -19.98 17.28 -29.08
N GLN A 172 -19.20 16.86 -28.08
CA GLN A 172 -19.28 17.50 -26.77
C GLN A 172 -18.41 18.76 -26.66
N GLY A 173 -17.77 19.13 -27.75
CA GLY A 173 -16.95 20.34 -27.75
C GLY A 173 -15.58 20.26 -27.12
N THR A 174 -15.13 19.05 -26.81
CA THR A 174 -13.82 18.84 -26.20
C THR A 174 -12.72 19.37 -27.13
N ASN A 175 -11.73 20.06 -26.58
CA ASN A 175 -10.65 20.62 -27.37
C ASN A 175 -9.29 19.95 -27.18
N LEU A 176 -8.25 20.48 -27.83
CA LEU A 176 -6.92 19.91 -27.72
C LEU A 176 -6.26 20.25 -26.39
N MET A 177 -6.76 21.28 -25.73
CA MET A 177 -6.23 21.66 -24.43
C MET A 177 -6.55 20.48 -23.51
N PHE A 178 -7.70 19.86 -23.74
CA PHE A 178 -8.12 18.71 -22.96
C PHE A 178 -7.32 17.49 -23.37
N ALA A 179 -7.22 17.27 -24.68
CA ALA A 179 -6.50 16.14 -25.22
C ALA A 179 -5.09 16.04 -24.65
N PHE A 180 -4.35 17.14 -24.71
CA PHE A 180 -2.99 17.12 -24.21
C PHE A 180 -2.93 17.00 -22.68
N PHE A 181 -3.97 17.48 -22.00
CA PHE A 181 -3.98 17.36 -20.55
C PHE A 181 -4.06 15.86 -20.27
N ALA A 182 -4.97 15.20 -20.99
CA ALA A 182 -5.18 13.76 -20.85
C ALA A 182 -3.90 12.97 -21.12
N GLN A 183 -3.20 13.32 -22.20
CA GLN A 183 -1.97 12.62 -22.54
C GLN A 183 -0.93 12.87 -21.46
N HIS A 184 -0.84 14.12 -21.01
CA HIS A 184 0.10 14.52 -19.98
C HIS A 184 -0.17 13.78 -18.67
N PHE A 185 -1.38 13.97 -18.15
CA PHE A 185 -1.84 13.37 -16.90
C PHE A 185 -1.71 11.84 -16.84
N THR A 186 -2.30 11.14 -17.80
CA THR A 186 -2.28 9.68 -17.80
C THR A 186 -0.87 9.10 -17.86
N HIS A 187 0.03 9.79 -18.54
CA HIS A 187 1.40 9.31 -18.67
C HIS A 187 2.23 9.34 -17.40
N GLN A 188 1.61 9.73 -16.29
CA GLN A 188 2.32 9.74 -15.03
C GLN A 188 2.09 8.37 -14.38
N PHE A 189 1.04 7.67 -14.82
CA PHE A 189 0.77 6.35 -14.28
C PHE A 189 0.68 5.22 -15.30
N PHE A 190 0.91 5.55 -16.57
CA PHE A 190 0.93 4.55 -17.66
C PHE A 190 2.35 4.65 -18.25
N LYS A 191 3.26 3.80 -17.77
CA LYS A 191 4.64 3.81 -18.27
C LYS A 191 5.09 2.38 -18.45
N THR A 192 4.59 1.74 -19.48
CA THR A 192 4.92 0.36 -19.77
C THR A 192 6.43 0.26 -19.98
N SER A 193 7.01 -0.77 -19.39
CA SER A 193 8.44 -1.00 -19.47
C SER A 193 8.86 -1.78 -20.72
N GLY A 194 9.62 -1.12 -21.60
CA GLY A 194 10.07 -1.80 -22.79
C GLY A 194 10.98 -2.98 -22.45
N LYS A 195 11.82 -2.78 -21.43
CA LYS A 195 12.75 -3.81 -20.99
C LYS A 195 12.10 -5.05 -20.40
N MET A 196 11.15 -4.86 -19.49
CA MET A 196 10.48 -5.99 -18.87
C MET A 196 9.39 -6.61 -19.73
N GLY A 197 8.83 -5.82 -20.64
CA GLY A 197 7.79 -6.34 -21.51
C GLY A 197 6.38 -5.94 -21.11
N PRO A 198 5.37 -6.34 -21.90
CA PRO A 198 4.00 -5.98 -21.56
C PRO A 198 3.65 -6.53 -20.18
N GLY A 199 2.77 -5.82 -19.49
CA GLY A 199 2.36 -6.26 -18.17
C GLY A 199 3.19 -5.66 -17.07
N PHE A 200 4.22 -4.89 -17.43
CA PHE A 200 5.09 -4.26 -16.44
C PHE A 200 5.13 -2.75 -16.63
N THR A 201 5.31 -2.03 -15.53
CA THR A 201 5.34 -0.58 -15.56
C THR A 201 6.47 0.01 -14.72
N LYS A 202 6.97 1.16 -15.15
CA LYS A 202 8.04 1.84 -14.42
C LYS A 202 7.40 2.93 -13.58
N ALA A 203 6.11 3.13 -13.76
CA ALA A 203 5.41 4.13 -12.98
C ALA A 203 4.97 3.51 -11.65
N LEU A 204 5.94 3.04 -10.87
CA LEU A 204 5.61 2.52 -9.55
C LEU A 204 4.91 3.78 -9.03
N GLY A 205 4.10 3.70 -8.00
CA GLY A 205 3.41 4.93 -7.63
C GLY A 205 1.96 4.67 -7.99
N HIS A 206 1.76 4.07 -9.15
CA HIS A 206 0.43 3.66 -9.60
C HIS A 206 -0.72 4.64 -9.40
N GLY A 207 -0.54 5.89 -9.83
CA GLY A 207 -1.62 6.85 -9.68
C GLY A 207 -1.17 8.29 -9.81
N VAL A 208 -1.89 9.17 -9.14
CA VAL A 208 -1.56 10.59 -9.20
C VAL A 208 -0.50 10.96 -8.18
N ASP A 209 0.75 10.65 -8.52
CA ASP A 209 1.87 10.96 -7.65
C ASP A 209 2.68 12.08 -8.28
N LEU A 210 2.26 12.49 -9.47
CA LEU A 210 2.90 13.54 -10.24
C LEU A 210 4.32 13.17 -10.65
N GLY A 211 4.54 11.88 -10.85
CA GLY A 211 5.84 11.41 -11.27
C GLY A 211 6.26 11.99 -12.60
N HIS A 212 5.31 12.45 -13.42
CA HIS A 212 5.66 13.04 -14.71
C HIS A 212 6.23 14.44 -14.57
N ILE A 213 6.25 14.97 -13.35
CA ILE A 213 6.80 16.29 -13.08
C ILE A 213 8.07 16.12 -12.25
N TYR A 214 8.00 15.29 -11.22
CA TYR A 214 9.12 15.08 -10.33
C TYR A 214 9.98 13.86 -10.63
N GLY A 215 9.50 13.00 -11.53
CA GLY A 215 10.27 11.81 -11.88
C GLY A 215 9.78 10.57 -11.15
N ASP A 216 9.91 9.40 -11.77
CA ASP A 216 9.46 8.15 -11.15
C ASP A 216 10.50 7.53 -10.21
N ASN A 217 11.63 8.21 -10.02
CA ASN A 217 12.68 7.72 -9.12
C ASN A 217 13.42 8.88 -8.46
N LEU A 218 13.94 8.63 -7.26
CA LEU A 218 14.65 9.66 -6.50
C LEU A 218 15.79 10.35 -7.23
N GLU A 219 16.73 9.59 -7.78
CA GLU A 219 17.85 10.18 -8.49
C GLU A 219 17.45 11.21 -9.53
N ARG A 220 16.43 10.89 -10.32
CA ARG A 220 15.94 11.80 -11.35
C ARG A 220 15.39 13.05 -10.67
N GLN A 221 14.61 12.85 -9.62
CA GLN A 221 14.01 13.96 -8.89
C GLN A 221 15.12 14.90 -8.39
N TYR A 222 16.14 14.31 -7.79
CA TYR A 222 17.26 15.09 -7.27
C TYR A 222 17.99 15.85 -8.37
N GLN A 223 17.99 15.31 -9.58
CA GLN A 223 18.66 15.95 -10.70
C GLN A 223 17.78 17.08 -11.28
N LEU A 224 16.47 17.00 -11.03
CA LEU A 224 15.51 17.98 -11.51
C LEU A 224 15.33 19.14 -10.53
N ARG A 225 15.63 18.86 -9.26
CA ARG A 225 15.48 19.86 -8.19
C ARG A 225 16.64 20.84 -8.04
N LEU A 226 16.30 22.07 -7.63
CA LEU A 226 17.27 23.13 -7.46
C LEU A 226 17.90 23.03 -6.08
N PHE A 227 17.18 22.38 -5.17
CA PHE A 227 17.62 22.24 -3.79
C PHE A 227 17.79 23.58 -3.09
N LYS A 228 17.02 24.56 -3.56
CA LYS A 228 17.03 25.88 -2.97
C LYS A 228 15.58 26.34 -3.00
N ASP A 229 15.04 26.65 -1.83
CA ASP A 229 13.66 27.11 -1.72
C ASP A 229 12.63 26.07 -2.15
N GLY A 230 13.00 24.79 -2.09
CA GLY A 230 12.12 23.71 -2.48
C GLY A 230 11.76 23.72 -3.95
N LYS A 231 12.42 24.59 -4.72
CA LYS A 231 12.12 24.72 -6.13
C LYS A 231 12.72 23.72 -7.11
N LEU A 232 12.09 23.69 -8.29
CA LEU A 232 12.49 22.83 -9.40
C LEU A 232 13.38 23.70 -10.32
N LYS A 233 14.46 23.11 -10.83
CA LYS A 233 15.36 23.85 -11.74
C LYS A 233 14.58 24.42 -12.92
N TYR A 234 15.09 25.49 -13.49
CA TYR A 234 14.43 26.12 -14.62
C TYR A 234 15.40 26.99 -15.40
N GLN A 235 14.88 27.64 -16.45
CA GLN A 235 15.69 28.53 -17.26
C GLN A 235 14.80 29.63 -17.84
N MET A 236 15.43 30.75 -18.15
CA MET A 236 14.72 31.88 -18.71
C MET A 236 15.00 31.97 -20.21
N LEU A 237 13.93 32.10 -20.99
CA LEU A 237 14.04 32.24 -22.43
C LEU A 237 13.01 33.31 -22.79
N ASN A 238 13.47 34.42 -23.38
CA ASN A 238 12.57 35.51 -23.74
C ASN A 238 11.84 36.01 -22.49
N GLY A 239 12.58 36.11 -21.39
CA GLY A 239 11.99 36.58 -20.14
C GLY A 239 10.92 35.67 -19.57
N GLU A 240 10.85 34.43 -20.06
CA GLU A 240 9.84 33.48 -19.57
C GLU A 240 10.50 32.25 -18.94
N VAL A 241 9.78 31.63 -18.02
CA VAL A 241 10.27 30.45 -17.32
C VAL A 241 9.94 29.16 -18.05
N TYR A 242 10.95 28.30 -18.21
CA TYR A 242 10.77 27.02 -18.87
C TYR A 242 11.61 25.95 -18.19
N PRO A 243 11.26 24.67 -18.42
CA PRO A 243 12.02 23.57 -17.82
C PRO A 243 13.49 23.77 -18.20
N PRO A 244 14.42 23.35 -17.34
CA PRO A 244 15.85 23.51 -17.66
C PRO A 244 16.25 22.60 -18.80
N SER A 245 17.52 22.66 -19.18
CA SER A 245 17.99 21.81 -20.26
C SER A 245 18.59 20.58 -19.60
N VAL A 246 18.77 19.52 -20.38
CA VAL A 246 19.35 18.31 -19.85
C VAL A 246 20.79 18.58 -19.44
N GLU A 247 21.38 19.63 -20.00
CA GLU A 247 22.76 19.96 -19.64
C GLU A 247 22.82 20.41 -18.18
N GLU A 248 21.83 21.19 -17.75
CA GLU A 248 21.78 21.67 -16.38
C GLU A 248 21.15 20.63 -15.45
N ALA A 249 20.22 19.85 -15.99
CA ALA A 249 19.55 18.81 -15.23
C ALA A 249 19.76 17.50 -16.00
N PRO A 250 20.97 16.92 -15.90
CA PRO A 250 21.34 15.68 -16.57
C PRO A 250 20.46 14.49 -16.22
N VAL A 251 19.38 14.36 -16.96
CA VAL A 251 18.42 13.30 -16.77
C VAL A 251 18.10 12.69 -18.13
N LEU A 252 17.82 11.39 -18.17
CA LEU A 252 17.52 10.74 -19.44
C LEU A 252 16.20 11.15 -20.08
N MET A 253 16.27 11.79 -21.25
CA MET A 253 15.08 12.21 -21.99
C MET A 253 15.12 11.55 -23.36
N HIS A 254 14.01 10.97 -23.79
CA HIS A 254 13.95 10.31 -25.10
C HIS A 254 13.76 11.29 -26.25
N TYR A 255 14.86 11.81 -26.79
CA TYR A 255 14.82 12.74 -27.92
C TYR A 255 15.43 12.04 -29.11
N PRO A 256 15.14 12.51 -30.34
CA PRO A 256 15.72 11.85 -31.51
C PRO A 256 17.24 11.92 -31.42
N ARG A 257 17.90 10.86 -31.89
CA ARG A 257 19.35 10.83 -31.85
C ARG A 257 19.83 12.02 -32.67
N GLY A 258 20.77 12.79 -32.11
CA GLY A 258 21.30 13.95 -32.81
C GLY A 258 20.98 15.28 -32.16
N ILE A 259 19.90 15.32 -31.37
CA ILE A 259 19.53 16.55 -30.69
C ILE A 259 20.39 16.71 -29.45
N PRO A 260 21.21 17.77 -29.41
CA PRO A 260 22.10 18.05 -28.28
C PRO A 260 21.39 18.28 -26.95
N PRO A 261 22.06 17.92 -25.84
CA PRO A 261 21.54 18.05 -24.47
C PRO A 261 21.12 19.47 -24.16
N GLN A 262 21.92 20.44 -24.61
CA GLN A 262 21.61 21.84 -24.36
C GLN A 262 20.32 22.27 -25.05
N SER A 263 19.83 21.45 -25.98
CA SER A 263 18.60 21.75 -26.72
C SER A 263 17.42 20.89 -26.30
N GLN A 264 17.63 20.05 -25.29
CA GLN A 264 16.59 19.18 -24.76
C GLN A 264 16.08 19.78 -23.47
N MET A 265 14.81 19.59 -23.17
CA MET A 265 14.27 20.08 -21.91
C MET A 265 14.11 18.88 -20.99
N ALA A 266 14.51 19.04 -19.73
CA ALA A 266 14.40 17.99 -18.72
C ALA A 266 13.12 18.19 -17.89
N VAL A 267 12.22 17.19 -17.86
CA VAL A 267 10.97 17.39 -17.12
C VAL A 267 10.39 16.35 -16.18
N GLY A 268 10.86 15.11 -16.18
CA GLY A 268 10.25 14.17 -15.25
C GLY A 268 9.79 12.93 -15.96
N GLN A 269 9.04 13.13 -17.04
CA GLN A 269 8.57 12.03 -17.88
C GLN A 269 9.46 12.07 -19.13
N GLU A 270 10.30 11.05 -19.29
CA GLU A 270 11.23 10.96 -20.41
C GLU A 270 10.65 11.21 -21.81
N VAL A 271 9.38 10.91 -21.98
CA VAL A 271 8.71 11.03 -23.27
C VAL A 271 8.12 12.40 -23.63
N PHE A 272 8.12 13.34 -22.71
CA PHE A 272 7.48 14.60 -22.98
C PHE A 272 8.10 15.56 -23.98
N GLY A 273 9.31 15.27 -24.43
CA GLY A 273 9.92 16.16 -25.40
C GLY A 273 9.44 15.89 -26.81
N LEU A 274 8.58 14.89 -26.95
CA LEU A 274 8.07 14.52 -28.25
C LEU A 274 6.77 15.20 -28.70
N LEU A 275 6.35 16.25 -28.00
CA LEU A 275 5.13 16.98 -28.34
C LEU A 275 5.05 18.31 -27.60
N PRO A 276 4.86 19.42 -28.33
CA PRO A 276 4.76 20.74 -27.68
C PRO A 276 3.63 20.78 -26.66
N GLY A 277 2.56 20.04 -26.93
CA GLY A 277 1.44 20.00 -26.01
C GLY A 277 1.84 19.43 -24.66
N LEU A 278 2.66 18.39 -24.69
CA LEU A 278 3.12 17.75 -23.48
C LEU A 278 4.03 18.68 -22.68
N MET A 279 5.03 19.26 -23.36
CA MET A 279 5.97 20.13 -22.71
C MET A 279 5.27 21.39 -22.21
N LEU A 280 4.19 21.75 -22.90
CA LEU A 280 3.40 22.91 -22.52
C LEU A 280 2.96 22.69 -21.08
N TYR A 281 2.29 21.58 -20.85
CA TYR A 281 1.82 21.26 -19.52
C TYR A 281 2.97 21.09 -18.55
N ALA A 282 4.10 20.58 -19.04
CA ALA A 282 5.25 20.40 -18.19
C ALA A 282 5.65 21.79 -17.68
N THR A 283 5.66 22.76 -18.59
CA THR A 283 6.02 24.13 -18.23
C THR A 283 5.04 24.74 -17.24
N ILE A 284 3.76 24.59 -17.52
CA ILE A 284 2.73 25.14 -16.65
C ILE A 284 2.89 24.61 -15.23
N TRP A 285 2.85 23.29 -15.08
CA TRP A 285 3.02 22.68 -13.76
C TRP A 285 4.33 23.01 -13.06
N LEU A 286 5.41 23.19 -13.81
CA LEU A 286 6.70 23.53 -13.22
C LEU A 286 6.61 24.94 -12.65
N ARG A 287 5.96 25.84 -13.39
CA ARG A 287 5.79 27.21 -12.93
C ARG A 287 4.91 27.24 -11.68
N GLU A 288 3.88 26.39 -11.65
CA GLU A 288 2.98 26.33 -10.51
C GLU A 288 3.69 25.79 -9.27
N HIS A 289 4.62 24.85 -9.47
CA HIS A 289 5.34 24.29 -8.33
C HIS A 289 6.19 25.37 -7.68
N ASN A 290 7.00 26.06 -8.47
CA ASN A 290 7.87 27.12 -7.95
C ASN A 290 7.06 28.28 -7.36
N ARG A 291 5.88 28.54 -7.91
CA ARG A 291 5.02 29.60 -7.41
C ARG A 291 4.56 29.24 -5.99
N VAL A 292 4.05 28.02 -5.86
CA VAL A 292 3.59 27.51 -4.57
C VAL A 292 4.71 27.56 -3.54
N CYS A 293 5.94 27.31 -3.97
CA CYS A 293 7.07 27.36 -3.05
C CYS A 293 7.17 28.76 -2.45
N ASP A 294 7.00 29.77 -3.29
CA ASP A 294 7.05 31.16 -2.84
C ASP A 294 6.01 31.40 -1.74
N LEU A 295 4.75 31.07 -2.03
CA LEU A 295 3.67 31.24 -1.07
C LEU A 295 4.00 30.52 0.25
N LEU A 296 4.52 29.29 0.15
CA LEU A 296 4.89 28.52 1.32
C LEU A 296 5.98 29.20 2.17
N LYS A 297 7.06 29.63 1.53
CA LYS A 297 8.15 30.28 2.25
C LYS A 297 7.68 31.54 2.97
N ALA A 298 6.78 32.26 2.34
CA ALA A 298 6.25 33.48 2.93
C ALA A 298 5.59 33.11 4.27
N GLU A 299 4.96 31.94 4.28
CA GLU A 299 4.26 31.44 5.45
C GLU A 299 5.21 30.81 6.47
N HIS A 300 6.23 30.10 5.99
CA HIS A 300 7.16 29.44 6.88
C HIS A 300 8.61 29.78 6.60
N PRO A 301 9.06 30.95 7.04
CA PRO A 301 10.45 31.36 6.81
C PRO A 301 11.48 30.41 7.41
N THR A 302 11.09 29.60 8.40
CA THR A 302 12.04 28.67 9.03
C THR A 302 12.19 27.33 8.29
N TRP A 303 11.31 27.05 7.33
CA TRP A 303 11.36 25.79 6.58
C TRP A 303 12.57 25.63 5.67
N GLY A 304 13.04 24.40 5.55
CA GLY A 304 14.16 24.12 4.69
C GLY A 304 13.71 23.81 3.27
N ASP A 305 14.66 23.51 2.40
CA ASP A 305 14.37 23.21 1.01
C ASP A 305 13.50 21.95 0.89
N GLU A 306 13.88 20.89 1.61
CA GLU A 306 13.12 19.64 1.54
C GLU A 306 11.64 19.80 1.88
N GLN A 307 11.32 20.36 3.03
CA GLN A 307 9.92 20.51 3.41
C GLN A 307 9.17 21.41 2.43
N LEU A 308 9.81 22.46 1.93
CA LEU A 308 9.15 23.34 0.97
C LEU A 308 8.82 22.54 -0.29
N PHE A 309 9.75 21.70 -0.72
CA PHE A 309 9.56 20.87 -1.90
C PHE A 309 8.49 19.79 -1.69
N GLN A 310 8.58 19.07 -0.57
CA GLN A 310 7.62 18.00 -0.29
C GLN A 310 6.20 18.54 -0.15
N THR A 311 6.07 19.64 0.55
CA THR A 311 4.77 20.25 0.78
C THR A 311 4.15 20.77 -0.51
N ALA A 312 4.96 21.39 -1.36
CA ALA A 312 4.44 21.92 -2.61
C ALA A 312 3.95 20.75 -3.47
N ARG A 313 4.69 19.65 -3.45
CA ARG A 313 4.31 18.48 -4.24
C ARG A 313 2.92 17.98 -3.81
N LEU A 314 2.70 17.87 -2.51
CA LEU A 314 1.40 17.41 -2.03
C LEU A 314 0.31 18.37 -2.51
N ILE A 315 0.61 19.66 -2.51
CA ILE A 315 -0.34 20.67 -2.96
C ILE A 315 -0.71 20.47 -4.42
N LEU A 316 0.28 20.30 -5.30
CA LEU A 316 0.00 20.09 -6.71
C LEU A 316 -0.76 18.78 -6.96
N ILE A 317 -0.53 17.77 -6.13
CA ILE A 317 -1.25 16.52 -6.29
C ILE A 317 -2.72 16.87 -6.05
N GLY A 318 -2.94 17.65 -4.98
CA GLY A 318 -4.29 18.07 -4.63
C GLY A 318 -4.93 18.88 -5.76
N GLU A 319 -4.19 19.83 -6.32
CA GLU A 319 -4.72 20.64 -7.41
C GLU A 319 -5.06 19.75 -8.59
N THR A 320 -4.21 18.77 -8.87
CA THR A 320 -4.43 17.86 -9.98
C THR A 320 -5.71 17.04 -9.77
N ILE A 321 -5.87 16.44 -8.60
CA ILE A 321 -7.07 15.65 -8.35
C ILE A 321 -8.31 16.55 -8.44
N LYS A 322 -8.20 17.76 -7.92
CA LYS A 322 -9.30 18.72 -7.94
C LYS A 322 -9.76 19.01 -9.37
N ILE A 323 -8.84 19.52 -10.18
CA ILE A 323 -9.13 19.87 -11.56
C ILE A 323 -9.58 18.67 -12.40
N VAL A 324 -9.00 17.50 -12.17
CA VAL A 324 -9.38 16.32 -12.95
C VAL A 324 -10.85 15.93 -12.70
N ILE A 325 -11.27 15.96 -11.45
CA ILE A 325 -12.64 15.58 -11.14
C ILE A 325 -13.64 16.65 -11.52
N GLU A 326 -13.42 17.87 -11.06
CA GLU A 326 -14.36 18.95 -11.31
C GLU A 326 -14.40 19.61 -12.69
N GLU A 327 -13.39 19.39 -13.52
CA GLU A 327 -13.40 19.99 -14.85
C GLU A 327 -13.16 18.95 -15.96
N TYR A 328 -12.11 18.17 -15.78
CA TYR A 328 -11.73 17.13 -16.74
C TYR A 328 -12.86 16.11 -16.89
N VAL A 329 -13.11 15.35 -15.84
CA VAL A 329 -14.17 14.36 -15.87
C VAL A 329 -15.52 15.01 -16.16
N GLN A 330 -15.76 16.19 -15.57
CA GLN A 330 -17.01 16.89 -15.81
C GLN A 330 -17.20 17.06 -17.31
N GLN A 331 -16.17 17.55 -17.99
CA GLN A 331 -16.21 17.75 -19.43
C GLN A 331 -16.58 16.46 -20.17
N LEU A 332 -15.86 15.38 -19.86
CA LEU A 332 -16.11 14.10 -20.49
C LEU A 332 -17.52 13.59 -20.26
N SER A 333 -17.99 13.65 -19.02
CA SER A 333 -19.32 13.15 -18.66
C SER A 333 -20.47 13.91 -19.32
N GLY A 334 -20.34 15.23 -19.39
CA GLY A 334 -21.41 16.02 -19.97
C GLY A 334 -22.62 15.99 -19.03
N TYR A 335 -22.38 15.64 -17.78
CA TYR A 335 -23.43 15.56 -16.75
C TYR A 335 -23.89 16.91 -16.22
N PHE A 336 -25.20 17.03 -15.97
CA PHE A 336 -25.72 18.28 -15.44
C PHE A 336 -25.43 18.27 -13.95
N LEU A 337 -25.06 17.10 -13.45
CA LEU A 337 -24.70 16.95 -12.04
C LEU A 337 -23.33 17.60 -11.91
N GLN A 338 -23.17 18.46 -10.91
CA GLN A 338 -21.91 19.14 -10.69
C GLN A 338 -20.98 18.24 -9.86
N LEU A 339 -20.08 17.53 -10.53
CA LEU A 339 -19.14 16.66 -9.85
C LEU A 339 -18.37 17.43 -8.79
N LYS A 340 -17.97 16.75 -7.72
CA LYS A 340 -17.26 17.45 -6.65
C LYS A 340 -16.12 16.67 -6.05
N PHE A 341 -15.00 17.37 -5.84
CA PHE A 341 -13.84 16.75 -5.20
C PHE A 341 -13.86 17.14 -3.75
N ASP A 342 -14.14 16.17 -2.89
CA ASP A 342 -14.16 16.39 -1.45
C ASP A 342 -13.94 15.07 -0.73
N PRO A 343 -12.68 14.77 -0.40
CA PRO A 343 -12.35 13.52 0.30
C PRO A 343 -13.31 13.19 1.44
N GLU A 344 -13.73 14.19 2.19
CA GLU A 344 -14.62 13.96 3.32
C GLU A 344 -15.87 13.15 2.97
N LEU A 345 -16.30 13.21 1.71
CA LEU A 345 -17.47 12.47 1.28
C LEU A 345 -17.34 10.99 1.56
N LEU A 346 -16.10 10.53 1.74
CA LEU A 346 -15.88 9.10 1.98
C LEU A 346 -15.46 8.76 3.40
N PHE A 347 -15.34 9.77 4.27
CA PHE A 347 -14.91 9.49 5.63
C PHE A 347 -15.82 8.55 6.42
N GLY A 348 -17.08 8.44 6.00
CA GLY A 348 -17.99 7.56 6.70
C GLY A 348 -18.18 6.23 5.98
N ALA A 349 -17.37 6.00 4.96
CA ALA A 349 -17.47 4.76 4.18
C ALA A 349 -16.28 3.82 4.33
N GLN A 350 -16.46 2.58 3.88
CA GLN A 350 -15.41 1.57 3.91
C GLN A 350 -14.70 1.71 2.57
N PHE A 351 -13.51 2.29 2.60
CA PHE A 351 -12.75 2.55 1.37
C PHE A 351 -11.26 2.39 1.61
N GLN A 352 -10.57 1.71 0.71
CA GLN A 352 -9.13 1.52 0.86
C GLN A 352 -8.38 2.62 0.12
N TYR A 353 -7.55 3.36 0.85
CA TYR A 353 -6.79 4.42 0.21
C TYR A 353 -5.52 3.96 -0.49
N ARG A 354 -5.68 3.03 -1.44
CA ARG A 354 -4.56 2.53 -2.23
C ARG A 354 -5.05 2.31 -3.66
N ASN A 355 -4.14 2.21 -4.60
CA ASN A 355 -4.50 1.99 -5.99
C ASN A 355 -3.44 1.24 -6.75
N ARG A 356 -3.87 0.47 -7.74
CA ARG A 356 -2.96 -0.30 -8.57
C ARG A 356 -3.44 -0.22 -10.01
N ILE A 357 -2.64 0.38 -10.87
CA ILE A 357 -3.03 0.52 -12.27
C ILE A 357 -3.20 -0.85 -12.91
N ALA A 358 -4.31 -1.00 -13.60
CA ALA A 358 -4.65 -2.24 -14.29
C ALA A 358 -4.32 -2.15 -15.78
N MET A 359 -3.90 -3.27 -16.36
CA MET A 359 -3.57 -3.29 -17.78
C MET A 359 -4.78 -2.90 -18.63
N GLU A 360 -5.98 -3.26 -18.18
CA GLU A 360 -7.20 -2.93 -18.91
C GLU A 360 -7.38 -1.42 -18.93
N PHE A 361 -7.15 -0.78 -17.78
CA PHE A 361 -7.28 0.66 -17.70
C PHE A 361 -6.31 1.33 -18.66
N ASN A 362 -5.14 0.71 -18.86
CA ASN A 362 -4.12 1.25 -19.77
C ASN A 362 -4.66 1.15 -21.20
N GLN A 363 -5.17 -0.02 -21.58
CA GLN A 363 -5.73 -0.25 -22.91
C GLN A 363 -6.83 0.78 -23.19
N LEU A 364 -7.80 0.84 -22.28
CA LEU A 364 -8.95 1.73 -22.37
C LEU A 364 -8.62 3.21 -22.56
N TYR A 365 -7.50 3.67 -22.00
CA TYR A 365 -7.13 5.08 -22.09
C TYR A 365 -6.37 5.49 -23.36
N HIS A 366 -6.31 4.60 -24.35
CA HIS A 366 -5.63 4.95 -25.59
C HIS A 366 -6.60 5.77 -26.43
N TRP A 367 -6.70 7.06 -26.12
CA TRP A 367 -7.62 7.97 -26.79
C TRP A 367 -7.05 8.74 -27.97
N HIS A 368 -6.33 8.03 -28.83
CA HIS A 368 -5.71 8.68 -29.98
C HIS A 368 -6.66 9.33 -30.97
N PRO A 369 -7.94 8.92 -31.02
CA PRO A 369 -8.85 9.56 -31.98
C PRO A 369 -8.99 11.06 -31.67
N LEU A 370 -8.61 11.45 -30.45
CA LEU A 370 -8.70 12.85 -30.07
C LEU A 370 -7.81 13.74 -30.94
N MET A 371 -6.65 13.22 -31.35
CA MET A 371 -5.73 14.00 -32.16
C MET A 371 -6.32 14.38 -33.52
N PRO A 372 -6.11 15.64 -33.95
CA PRO A 372 -6.60 16.19 -35.22
C PRO A 372 -5.79 15.80 -36.45
N ASP A 373 -6.15 16.37 -37.59
CA ASP A 373 -5.45 16.12 -38.85
C ASP A 373 -4.21 17.00 -38.90
N SER A 374 -4.28 18.16 -38.27
CA SER A 374 -3.17 19.10 -38.22
C SER A 374 -3.37 19.97 -36.99
N PHE A 375 -2.38 20.79 -36.64
CA PHE A 375 -2.47 21.63 -35.47
C PHE A 375 -2.44 23.11 -35.79
N ARG A 376 -3.57 23.76 -35.58
CA ARG A 376 -3.69 25.18 -35.87
C ARG A 376 -3.33 26.10 -34.72
N VAL A 377 -2.37 26.99 -34.98
CA VAL A 377 -1.93 27.97 -33.99
C VAL A 377 -2.09 29.33 -34.67
N GLY A 378 -3.23 29.96 -34.44
CA GLY A 378 -3.48 31.24 -35.06
C GLY A 378 -3.65 31.05 -36.56
N PRO A 379 -2.96 31.85 -37.38
CA PRO A 379 -3.07 31.71 -38.83
C PRO A 379 -2.32 30.50 -39.35
N GLN A 380 -1.28 30.09 -38.63
CA GLN A 380 -0.47 28.94 -39.04
C GLN A 380 -1.09 27.58 -38.77
N ASP A 381 -1.01 26.69 -39.76
CA ASP A 381 -1.54 25.35 -39.63
C ASP A 381 -0.37 24.36 -39.73
N TYR A 382 0.04 23.80 -38.61
CA TYR A 382 1.16 22.86 -38.60
C TYR A 382 0.76 21.40 -38.81
N SER A 383 1.63 20.65 -39.46
CA SER A 383 1.37 19.23 -39.73
C SER A 383 2.06 18.38 -38.66
N TYR A 384 1.76 17.09 -38.68
CA TYR A 384 2.37 16.16 -37.75
C TYR A 384 3.89 16.20 -37.89
N GLU A 385 4.37 16.20 -39.11
CA GLU A 385 5.81 16.24 -39.39
C GLU A 385 6.48 17.52 -38.86
N GLN A 386 5.71 18.60 -38.77
CA GLN A 386 6.23 19.87 -38.26
C GLN A 386 6.02 20.00 -36.75
N PHE A 387 5.06 19.24 -36.23
CA PHE A 387 4.70 19.31 -34.83
C PHE A 387 5.40 18.33 -33.89
N LEU A 388 5.39 17.05 -34.26
CA LEU A 388 5.94 15.98 -33.43
C LEU A 388 7.25 16.10 -32.64
N PHE A 389 8.36 16.44 -33.26
CA PHE A 389 9.57 16.52 -32.43
C PHE A 389 10.09 17.93 -32.37
N ASN A 390 9.17 18.86 -32.51
CA ASN A 390 9.47 20.27 -32.50
C ASN A 390 10.04 20.77 -31.18
N THR A 391 11.29 21.21 -31.21
CA THR A 391 11.97 21.69 -30.01
C THR A 391 11.97 23.20 -29.85
N SER A 392 11.29 23.91 -30.74
CA SER A 392 11.27 25.37 -30.63
C SER A 392 9.88 25.99 -30.56
N MET A 393 8.87 25.29 -31.05
CA MET A 393 7.52 25.82 -31.04
C MET A 393 7.06 26.39 -29.70
N LEU A 394 7.24 25.64 -28.62
CA LEU A 394 6.82 26.08 -27.29
C LEU A 394 7.40 27.43 -26.90
N VAL A 395 8.70 27.60 -27.12
CA VAL A 395 9.36 28.85 -26.78
C VAL A 395 9.05 29.95 -27.79
N ASP A 396 8.84 29.56 -29.05
CA ASP A 396 8.53 30.55 -30.10
C ASP A 396 7.21 31.26 -29.78
N TYR A 397 6.18 30.47 -29.48
CA TYR A 397 4.87 31.04 -29.17
C TYR A 397 4.63 31.40 -27.71
N GLY A 398 5.27 30.67 -26.80
CA GLY A 398 5.07 30.93 -25.39
C GLY A 398 3.86 30.16 -24.88
N VAL A 399 3.70 30.05 -23.57
CA VAL A 399 2.58 29.33 -22.97
C VAL A 399 1.21 29.87 -23.36
N GLU A 400 0.95 31.14 -23.10
CA GLU A 400 -0.34 31.77 -23.41
C GLU A 400 -0.85 31.48 -24.81
N ALA A 401 0.00 31.71 -25.81
CA ALA A 401 -0.39 31.49 -27.20
C ALA A 401 -0.84 30.05 -27.46
N LEU A 402 -0.03 29.09 -27.02
CA LEU A 402 -0.38 27.69 -27.22
C LEU A 402 -1.66 27.30 -26.49
N VAL A 403 -1.79 27.73 -25.23
CA VAL A 403 -3.00 27.39 -24.48
C VAL A 403 -4.21 27.89 -25.25
N ASP A 404 -4.14 29.13 -25.72
CA ASP A 404 -5.24 29.73 -26.47
C ASP A 404 -5.57 28.91 -27.72
N ALA A 405 -4.52 28.51 -28.45
CA ALA A 405 -4.69 27.74 -29.66
C ALA A 405 -5.31 26.38 -29.40
N PHE A 406 -4.78 25.65 -28.43
CA PHE A 406 -5.30 24.32 -28.13
C PHE A 406 -6.70 24.37 -27.55
N SER A 407 -7.02 25.46 -26.86
CA SER A 407 -8.32 25.62 -26.25
C SER A 407 -9.38 25.91 -27.32
N ARG A 408 -8.94 26.41 -28.47
CA ARG A 408 -9.86 26.73 -29.54
C ARG A 408 -10.06 25.59 -30.53
N GLN A 409 -9.03 24.77 -30.73
CA GLN A 409 -9.16 23.67 -31.68
C GLN A 409 -9.91 22.46 -31.13
N PRO A 410 -10.94 22.01 -31.85
CA PRO A 410 -11.71 20.86 -31.39
C PRO A 410 -10.92 19.57 -31.54
N ALA A 411 -11.15 18.66 -30.62
CA ALA A 411 -10.48 17.36 -30.64
C ALA A 411 -11.45 16.39 -31.30
N GLY A 412 -10.93 15.26 -31.76
CA GLY A 412 -11.77 14.28 -32.42
C GLY A 412 -12.58 13.40 -31.49
N ARG A 413 -13.70 12.90 -32.01
CA ARG A 413 -14.59 12.02 -31.26
C ARG A 413 -13.84 10.73 -30.97
N ILE A 414 -13.94 10.25 -29.73
CA ILE A 414 -13.24 9.03 -29.36
C ILE A 414 -13.92 7.76 -29.85
N GLY A 415 -15.19 7.58 -29.52
CA GLY A 415 -15.89 6.38 -29.95
C GLY A 415 -16.54 6.48 -31.33
N GLY A 416 -17.08 5.37 -31.81
CA GLY A 416 -17.75 5.39 -33.10
C GLY A 416 -17.00 4.78 -34.27
N GLY A 417 -15.71 4.55 -34.11
CA GLY A 417 -14.93 3.96 -35.18
C GLY A 417 -14.43 4.92 -36.23
N ARG A 418 -13.49 4.43 -37.03
CA ARG A 418 -12.87 5.18 -38.12
C ARG A 418 -12.56 6.64 -37.83
N ASN A 419 -11.80 6.91 -36.78
CA ASN A 419 -11.42 8.28 -36.49
C ASN A 419 -10.03 8.49 -35.91
N ILE A 420 -9.10 7.58 -36.22
CA ILE A 420 -7.72 7.74 -35.75
C ILE A 420 -6.85 8.18 -36.94
N ASP A 421 -6.16 9.31 -36.78
CA ASP A 421 -5.30 9.82 -37.84
C ASP A 421 -4.28 8.76 -38.25
N HIS A 422 -4.04 8.63 -39.56
CA HIS A 422 -3.10 7.65 -40.09
C HIS A 422 -1.70 7.77 -39.50
N HIS A 423 -1.34 8.97 -39.06
CA HIS A 423 -0.02 9.20 -38.47
C HIS A 423 0.23 8.35 -37.24
N ILE A 424 -0.82 8.06 -36.48
CA ILE A 424 -0.63 7.27 -35.25
C ILE A 424 -1.45 6.00 -35.20
N LEU A 425 -2.05 5.61 -36.33
CA LEU A 425 -2.84 4.40 -36.37
C LEU A 425 -2.03 3.22 -35.83
N HIS A 426 -0.72 3.28 -36.00
CA HIS A 426 0.17 2.19 -35.55
C HIS A 426 0.07 1.89 -34.07
N VAL A 427 -0.32 2.89 -33.27
CA VAL A 427 -0.46 2.68 -31.84
C VAL A 427 -1.58 1.69 -31.60
N ALA A 428 -2.73 1.92 -32.23
CA ALA A 428 -3.89 1.04 -32.08
C ALA A 428 -3.55 -0.39 -32.47
N VAL A 429 -2.82 -0.54 -33.57
CA VAL A 429 -2.43 -1.86 -34.03
C VAL A 429 -1.65 -2.57 -32.91
N ASP A 430 -0.65 -1.89 -32.34
CA ASP A 430 0.14 -2.48 -31.28
C ASP A 430 -0.67 -2.71 -30.00
N VAL A 431 -1.69 -1.89 -29.78
CA VAL A 431 -2.52 -2.05 -28.60
C VAL A 431 -3.25 -3.38 -28.74
N ILE A 432 -3.73 -3.66 -29.95
CA ILE A 432 -4.44 -4.90 -30.20
C ILE A 432 -3.52 -6.08 -30.06
N LYS A 433 -2.29 -5.95 -30.56
CA LYS A 433 -1.34 -7.04 -30.45
C LYS A 433 -0.97 -7.31 -29.00
N GLU A 434 -0.69 -6.24 -28.25
CA GLU A 434 -0.33 -6.37 -26.84
C GLU A 434 -1.46 -7.08 -26.09
N SER A 435 -2.69 -6.72 -26.44
CA SER A 435 -3.87 -7.32 -25.82
C SER A 435 -3.86 -8.83 -25.91
N ARG A 436 -3.46 -9.35 -27.07
CA ARG A 436 -3.43 -10.78 -27.29
C ARG A 436 -2.28 -11.40 -26.53
N VAL A 437 -1.20 -10.66 -26.36
CA VAL A 437 -0.07 -11.17 -25.61
C VAL A 437 -0.49 -11.21 -24.14
N LEU A 438 -1.20 -10.18 -23.71
CA LEU A 438 -1.71 -10.11 -22.34
C LEU A 438 -2.86 -11.12 -22.18
N ARG A 439 -3.37 -11.60 -23.31
CA ARG A 439 -4.48 -12.55 -23.31
C ARG A 439 -5.71 -12.02 -22.57
N LEU A 440 -6.10 -10.80 -22.89
CA LEU A 440 -7.27 -10.18 -22.28
C LEU A 440 -8.51 -10.98 -22.66
N GLN A 441 -9.41 -11.18 -21.70
CA GLN A 441 -10.64 -11.91 -21.97
C GLN A 441 -11.48 -11.12 -22.96
N PRO A 442 -12.53 -11.75 -23.52
CA PRO A 442 -13.37 -11.03 -24.49
C PRO A 442 -14.16 -9.83 -23.96
N PHE A 443 -14.38 -8.86 -24.84
CA PHE A 443 -15.12 -7.66 -24.49
C PHE A 443 -16.39 -7.98 -23.71
N ASN A 444 -17.14 -8.98 -24.14
CA ASN A 444 -18.36 -9.32 -23.44
C ASN A 444 -18.12 -9.71 -21.98
N GLU A 445 -17.03 -10.41 -21.72
CA GLU A 445 -16.74 -10.80 -20.35
C GLU A 445 -16.52 -9.56 -19.49
N TYR A 446 -15.95 -8.51 -20.08
CA TYR A 446 -15.71 -7.29 -19.34
C TYR A 446 -17.01 -6.53 -19.16
N ARG A 447 -17.89 -6.61 -20.14
CA ARG A 447 -19.20 -5.96 -20.04
C ARG A 447 -19.82 -6.49 -18.75
N LYS A 448 -19.81 -7.81 -18.60
CA LYS A 448 -20.38 -8.45 -17.41
C LYS A 448 -19.64 -8.08 -16.14
N ARG A 449 -18.32 -8.10 -16.20
CA ARG A 449 -17.51 -7.77 -15.04
C ARG A 449 -17.81 -6.35 -14.56
N PHE A 450 -18.34 -5.51 -15.43
CA PHE A 450 -18.65 -4.15 -15.03
C PHE A 450 -20.13 -3.81 -14.93
N GLY A 451 -20.95 -4.85 -14.75
CA GLY A 451 -22.37 -4.66 -14.57
C GLY A 451 -23.31 -4.50 -15.75
N MET A 452 -22.85 -4.79 -16.96
CA MET A 452 -23.71 -4.65 -18.13
C MET A 452 -23.99 -6.01 -18.72
N LYS A 453 -25.01 -6.09 -19.56
CA LYS A 453 -25.35 -7.34 -20.22
C LYS A 453 -24.44 -7.45 -21.44
N PRO A 454 -24.00 -8.67 -21.78
CA PRO A 454 -23.14 -8.83 -22.95
C PRO A 454 -23.92 -8.53 -24.22
N TYR A 455 -23.22 -8.13 -25.28
CA TYR A 455 -23.90 -7.85 -26.53
C TYR A 455 -24.23 -9.20 -27.16
N THR A 456 -25.42 -9.31 -27.74
CA THR A 456 -25.84 -10.55 -28.36
C THR A 456 -25.51 -10.63 -29.84
N SER A 457 -24.96 -9.55 -30.38
CA SER A 457 -24.58 -9.52 -31.80
C SER A 457 -23.79 -8.26 -32.11
N PHE A 458 -23.10 -8.26 -33.24
CA PHE A 458 -22.31 -7.09 -33.63
C PHE A 458 -23.23 -5.94 -34.01
N GLN A 459 -24.42 -6.28 -34.48
CA GLN A 459 -25.37 -5.27 -34.88
C GLN A 459 -25.88 -4.52 -33.64
N GLU A 460 -25.87 -5.18 -32.49
CA GLU A 460 -26.32 -4.54 -31.25
C GLU A 460 -25.19 -3.67 -30.70
N LEU A 461 -23.96 -4.10 -30.93
CA LEU A 461 -22.75 -3.39 -30.48
C LEU A 461 -22.66 -2.05 -31.20
N THR A 462 -22.72 -2.11 -32.52
CA THR A 462 -22.66 -0.92 -33.36
C THR A 462 -24.13 -0.63 -33.61
N GLY A 463 -24.53 0.63 -33.72
CA GLY A 463 -25.93 0.86 -33.95
C GLY A 463 -26.26 0.71 -35.43
N GLU A 464 -25.38 0.02 -36.17
CA GLU A 464 -25.58 -0.12 -37.60
C GLU A 464 -25.51 -1.55 -38.12
N LYS A 465 -25.38 -1.69 -39.44
CA LYS A 465 -25.34 -3.00 -40.09
C LYS A 465 -24.11 -3.29 -40.97
N GLU A 466 -23.52 -2.26 -41.57
CA GLU A 466 -22.39 -2.49 -42.44
C GLU A 466 -21.14 -3.01 -41.73
N MET A 467 -20.63 -2.28 -40.75
CA MET A 467 -19.46 -2.74 -40.03
C MET A 467 -19.75 -4.02 -39.28
N ALA A 468 -20.95 -4.10 -38.70
CA ALA A 468 -21.38 -5.27 -37.94
C ALA A 468 -21.26 -6.54 -38.76
N ALA A 469 -21.74 -6.48 -40.00
CA ALA A 469 -21.67 -7.65 -40.88
C ALA A 469 -20.22 -8.07 -41.12
N GLU A 470 -19.35 -7.10 -41.37
CA GLU A 470 -17.95 -7.41 -41.64
C GLU A 470 -17.25 -7.92 -40.39
N LEU A 471 -17.55 -7.29 -39.26
CA LEU A 471 -16.93 -7.69 -38.00
C LEU A 471 -17.32 -9.13 -37.70
N GLU A 472 -18.59 -9.44 -37.89
CA GLU A 472 -19.09 -10.79 -37.62
C GLU A 472 -18.43 -11.81 -38.53
N GLU A 473 -18.13 -11.40 -39.75
CA GLU A 473 -17.50 -12.28 -40.72
C GLU A 473 -16.06 -12.55 -40.31
N LEU A 474 -15.42 -11.57 -39.69
CA LEU A 474 -14.04 -11.70 -39.25
C LEU A 474 -13.89 -12.44 -37.91
N TYR A 475 -14.64 -11.99 -36.90
CA TYR A 475 -14.55 -12.60 -35.57
C TYR A 475 -15.34 -13.90 -35.49
N GLY A 476 -16.39 -13.99 -36.28
CA GLY A 476 -17.22 -15.19 -36.28
C GLY A 476 -18.25 -15.20 -35.16
N ASP A 477 -17.91 -14.64 -34.01
CA ASP A 477 -18.83 -14.65 -32.88
C ASP A 477 -18.64 -13.42 -31.98
N ILE A 478 -19.74 -12.77 -31.64
CA ILE A 478 -19.68 -11.58 -30.78
C ILE A 478 -18.89 -11.86 -29.50
N ASP A 479 -18.94 -13.10 -29.02
CA ASP A 479 -18.22 -13.46 -27.81
C ASP A 479 -16.71 -13.56 -28.02
N ALA A 480 -16.25 -13.25 -29.23
CA ALA A 480 -14.82 -13.28 -29.52
C ALA A 480 -14.28 -11.87 -29.65
N LEU A 481 -15.18 -10.89 -29.76
CA LEU A 481 -14.78 -9.49 -29.88
C LEU A 481 -13.80 -9.13 -28.75
N GLU A 482 -12.68 -8.51 -29.11
CA GLU A 482 -11.65 -8.15 -28.12
C GLU A 482 -11.93 -6.86 -27.38
N PHE A 483 -11.28 -6.69 -26.22
CA PHE A 483 -11.46 -5.53 -25.35
C PHE A 483 -11.38 -4.15 -26.00
N TYR A 484 -10.19 -3.78 -26.48
CA TYR A 484 -10.00 -2.47 -27.10
C TYR A 484 -10.93 -2.22 -28.29
N PRO A 485 -10.94 -3.14 -29.26
CA PRO A 485 -11.81 -2.94 -30.43
C PRO A 485 -13.27 -2.72 -30.00
N GLY A 486 -13.70 -3.48 -29.01
CA GLY A 486 -15.06 -3.35 -28.52
C GLY A 486 -15.35 -1.95 -28.01
N LEU A 487 -14.36 -1.38 -27.30
CA LEU A 487 -14.50 -0.05 -26.74
C LEU A 487 -14.66 1.03 -27.79
N LEU A 488 -13.82 1.00 -28.82
CA LEU A 488 -13.88 2.03 -29.86
C LEU A 488 -14.95 1.85 -30.92
N LEU A 489 -15.47 0.64 -31.08
CA LEU A 489 -16.48 0.41 -32.10
C LEU A 489 -17.93 0.40 -31.57
N GLU A 490 -18.09 0.39 -30.24
CA GLU A 490 -19.42 0.40 -29.66
C GLU A 490 -20.14 1.67 -30.08
N LYS A 491 -21.46 1.60 -30.26
CA LYS A 491 -22.23 2.78 -30.63
C LYS A 491 -22.17 3.83 -29.52
N CYS A 492 -22.06 5.09 -29.90
CA CYS A 492 -21.98 6.17 -28.92
C CYS A 492 -23.33 6.66 -28.47
N HIS A 493 -23.37 7.16 -27.23
CA HIS A 493 -24.58 7.73 -26.67
C HIS A 493 -24.94 8.88 -27.64
N PRO A 494 -26.17 9.40 -27.54
CA PRO A 494 -26.62 10.50 -28.42
C PRO A 494 -25.52 11.37 -29.04
N ASN A 495 -25.18 12.46 -28.37
CA ASN A 495 -24.16 13.37 -28.86
C ASN A 495 -22.96 13.28 -27.92
N SER A 496 -22.54 12.05 -27.63
CA SER A 496 -21.44 11.82 -26.72
C SER A 496 -20.11 11.57 -27.42
N ILE A 497 -19.03 11.70 -26.66
CA ILE A 497 -17.69 11.50 -27.17
C ILE A 497 -17.38 10.00 -27.30
N PHE A 498 -18.11 9.15 -26.59
CA PHE A 498 -17.94 7.71 -26.70
C PHE A 498 -19.12 6.90 -26.15
N GLY A 499 -19.04 5.57 -26.29
CA GLY A 499 -20.11 4.70 -25.84
C GLY A 499 -20.18 4.49 -24.35
N GLU A 500 -21.20 3.77 -23.90
CA GLU A 500 -21.38 3.52 -22.48
C GLU A 500 -20.29 2.66 -21.83
N SER A 501 -19.80 1.65 -22.55
CA SER A 501 -18.77 0.80 -21.98
C SER A 501 -17.56 1.61 -21.51
N MET A 502 -17.14 2.57 -22.33
CA MET A 502 -15.99 3.40 -21.98
C MET A 502 -16.18 4.04 -20.60
N ILE A 503 -17.40 4.47 -20.30
CA ILE A 503 -17.70 5.07 -19.00
C ILE A 503 -17.89 4.02 -17.92
N GLU A 504 -18.81 3.09 -18.15
CA GLU A 504 -19.08 2.03 -17.17
C GLU A 504 -17.84 1.25 -16.77
N MET A 505 -16.84 1.18 -17.65
CA MET A 505 -15.61 0.46 -17.35
C MET A 505 -14.51 1.39 -16.89
N GLY A 506 -14.49 2.60 -17.43
CA GLY A 506 -13.47 3.59 -17.09
C GLY A 506 -13.69 4.37 -15.81
N ALA A 507 -14.95 4.69 -15.50
CA ALA A 507 -15.23 5.46 -14.29
C ALA A 507 -14.67 4.80 -13.02
N PRO A 508 -14.91 3.49 -12.86
CA PRO A 508 -14.39 2.80 -11.67
C PRO A 508 -12.88 2.96 -11.54
N PHE A 509 -12.14 2.64 -12.61
CA PHE A 509 -10.69 2.77 -12.60
C PHE A 509 -10.28 4.21 -12.27
N SER A 510 -10.86 5.16 -12.99
CA SER A 510 -10.53 6.56 -12.78
C SER A 510 -10.82 7.09 -11.38
N LEU A 511 -12.06 6.98 -10.94
CA LEU A 511 -12.43 7.46 -9.62
C LEU A 511 -11.69 6.75 -8.48
N LYS A 512 -11.44 5.46 -8.65
CA LYS A 512 -10.72 4.70 -7.63
C LYS A 512 -9.29 5.21 -7.58
N GLY A 513 -8.79 5.63 -8.74
CA GLY A 513 -7.44 6.14 -8.82
C GLY A 513 -7.33 7.53 -8.21
N LEU A 514 -8.34 8.36 -8.43
CA LEU A 514 -8.32 9.71 -7.87
C LEU A 514 -8.49 9.72 -6.35
N LEU A 515 -9.57 9.12 -5.85
CA LEU A 515 -9.80 9.10 -4.41
C LEU A 515 -8.97 8.09 -3.63
N GLY A 516 -8.45 7.06 -4.30
CA GLY A 516 -7.65 6.07 -3.61
C GLY A 516 -6.31 6.63 -3.16
N ASN A 517 -6.03 7.87 -3.57
CA ASN A 517 -4.77 8.52 -3.22
C ASN A 517 -4.68 8.75 -1.70
N PRO A 518 -3.47 8.63 -1.13
CA PRO A 518 -3.32 8.83 0.31
C PRO A 518 -3.62 10.25 0.82
N ILE A 519 -3.46 11.27 -0.01
CA ILE A 519 -3.77 12.62 0.47
C ILE A 519 -5.28 12.76 0.70
N CYS A 520 -6.06 11.80 0.23
CA CYS A 520 -7.51 11.84 0.40
C CYS A 520 -7.98 11.11 1.65
N SER A 521 -7.04 10.53 2.39
CA SER A 521 -7.38 9.78 3.59
C SER A 521 -7.55 10.71 4.80
N PRO A 522 -8.31 10.27 5.79
CA PRO A 522 -8.53 11.09 6.99
C PRO A 522 -7.20 11.52 7.62
N GLU A 523 -6.19 10.66 7.54
CA GLU A 523 -4.88 10.96 8.11
C GLU A 523 -4.16 12.09 7.41
N TYR A 524 -4.29 12.17 6.09
CA TYR A 524 -3.60 13.20 5.32
C TYR A 524 -4.39 14.47 5.02
N TRP A 525 -5.70 14.31 4.82
CA TRP A 525 -6.55 15.45 4.47
C TRP A 525 -6.73 16.43 5.62
N LYS A 526 -5.68 17.20 5.89
CA LYS A 526 -5.67 18.20 6.95
C LYS A 526 -4.88 19.40 6.46
N ALA A 527 -5.15 20.57 7.00
CA ALA A 527 -4.44 21.79 6.60
C ALA A 527 -2.95 21.66 6.81
N SER A 528 -2.52 21.09 7.93
CA SER A 528 -1.10 20.98 8.19
C SER A 528 -0.35 20.21 7.11
N THR A 529 -1.00 19.22 6.50
CA THR A 529 -0.36 18.44 5.46
C THR A 529 0.07 19.33 4.30
N PHE A 530 -0.74 20.35 4.00
CA PHE A 530 -0.45 21.26 2.91
C PHE A 530 0.16 22.60 3.33
N GLY A 531 0.81 22.61 4.50
CA GLY A 531 1.45 23.84 4.96
C GLY A 531 0.55 24.88 5.61
N GLY A 532 -0.72 24.52 5.80
CA GLY A 532 -1.64 25.45 6.43
C GLY A 532 -2.84 25.76 5.58
N GLU A 533 -3.67 26.67 6.09
CA GLU A 533 -4.90 27.08 5.42
C GLU A 533 -4.65 27.61 4.00
N VAL A 534 -3.55 28.31 3.80
CA VAL A 534 -3.23 28.85 2.48
C VAL A 534 -3.00 27.72 1.49
N GLY A 535 -2.20 26.73 1.89
CA GLY A 535 -1.92 25.60 1.02
C GLY A 535 -3.15 24.73 0.78
N PHE A 536 -3.92 24.53 1.84
CA PHE A 536 -5.14 23.72 1.74
C PHE A 536 -6.13 24.35 0.78
N ASN A 537 -6.26 25.67 0.81
CA ASN A 537 -7.22 26.31 -0.08
C ASN A 537 -6.74 26.29 -1.53
N LEU A 538 -5.43 26.24 -1.75
CA LEU A 538 -4.95 26.18 -3.12
C LEU A 538 -5.52 24.90 -3.74
N VAL A 539 -5.55 23.83 -2.95
CA VAL A 539 -6.08 22.57 -3.42
C VAL A 539 -7.59 22.69 -3.63
N LYS A 540 -8.29 23.07 -2.56
CA LYS A 540 -9.74 23.19 -2.59
C LYS A 540 -10.33 24.10 -3.67
N THR A 541 -9.59 25.11 -4.08
CA THR A 541 -10.12 26.04 -5.08
C THR A 541 -9.36 25.99 -6.40
N ALA A 542 -8.54 24.95 -6.58
CA ALA A 542 -7.76 24.80 -7.80
C ALA A 542 -8.67 24.88 -9.03
N THR A 543 -8.12 25.40 -10.11
CA THR A 543 -8.89 25.57 -11.34
C THR A 543 -7.96 25.56 -12.56
N LEU A 544 -8.46 25.10 -13.69
CA LEU A 544 -7.64 25.04 -14.90
C LEU A 544 -7.19 26.47 -15.26
N LYS A 545 -8.14 27.38 -15.31
CA LYS A 545 -7.89 28.77 -15.64
C LYS A 545 -6.81 29.35 -14.74
N LYS A 546 -6.91 29.07 -13.44
CA LYS A 546 -5.94 29.57 -12.47
C LYS A 546 -4.58 28.91 -12.63
N LEU A 547 -4.59 27.62 -12.97
CA LEU A 547 -3.34 26.88 -13.13
C LEU A 547 -2.51 27.58 -14.21
N VAL A 548 -3.18 28.03 -15.27
CA VAL A 548 -2.53 28.70 -16.38
C VAL A 548 -2.25 30.17 -16.12
N CYS A 549 -3.32 30.94 -15.96
CA CYS A 549 -3.26 32.37 -15.76
C CYS A 549 -2.50 32.91 -14.55
N LEU A 550 -2.41 32.13 -13.48
CA LEU A 550 -1.65 32.59 -12.31
C LEU A 550 -0.16 32.35 -12.56
N ASN A 551 0.17 31.85 -13.75
CA ASN A 551 1.56 31.53 -14.12
C ASN A 551 2.01 32.10 -15.47
N THR A 552 1.13 32.85 -16.13
CA THR A 552 1.44 33.44 -17.43
C THR A 552 1.35 34.97 -17.37
N LYS A 553 2.01 35.65 -18.31
CA LYS A 553 1.97 37.11 -18.35
C LYS A 553 0.55 37.60 -18.60
N THR A 554 -0.11 37.03 -19.59
CA THR A 554 -1.49 37.41 -19.89
C THR A 554 -2.37 36.18 -19.80
N CYS A 555 -3.67 36.39 -19.66
CA CYS A 555 -4.60 35.29 -19.55
C CYS A 555 -5.38 35.06 -20.84
N PRO A 556 -5.11 33.95 -21.52
CA PRO A 556 -5.79 33.63 -22.79
C PRO A 556 -7.10 32.88 -22.53
N TYR A 557 -7.74 32.44 -23.60
CA TYR A 557 -8.95 31.66 -23.44
C TYR A 557 -8.48 30.26 -23.01
N VAL A 558 -8.81 29.86 -21.79
CA VAL A 558 -8.40 28.56 -21.29
C VAL A 558 -9.58 27.73 -20.83
N SER A 559 -9.72 26.55 -21.43
CA SER A 559 -10.83 25.66 -21.12
C SER A 559 -10.62 24.28 -21.76
N PHE A 560 -11.39 23.30 -21.31
CA PHE A 560 -11.33 21.95 -21.86
C PHE A 560 -12.43 21.86 -22.91
N HIS A 561 -13.12 22.97 -23.09
CA HIS A 561 -14.24 23.05 -24.03
C HIS A 561 -13.99 24.17 -25.03
N VAL A 562 -14.30 23.89 -26.29
CA VAL A 562 -14.14 24.87 -27.37
C VAL A 562 -15.05 26.08 -27.13
N PRO A 563 -14.60 27.28 -27.53
CA PRO A 563 -15.41 28.49 -27.35
C PRO A 563 -16.63 28.48 -28.26
N VAL B 13 14.14 30.20 20.32
CA VAL B 13 13.83 28.80 20.74
C VAL B 13 12.58 28.24 20.06
N ASN B 14 12.77 27.16 19.31
CA ASN B 14 11.70 26.49 18.58
C ASN B 14 10.58 26.11 19.53
N PRO B 15 9.42 26.77 19.40
CA PRO B 15 8.27 26.49 20.25
C PRO B 15 7.79 25.03 20.25
N CYS B 16 7.95 24.34 19.12
CA CYS B 16 7.52 22.94 19.06
C CYS B 16 8.35 22.04 19.99
N CYS B 17 9.45 22.56 20.51
CA CYS B 17 10.29 21.78 21.42
C CYS B 17 9.53 21.52 22.71
N TYR B 18 8.54 22.37 22.99
CA TYR B 18 7.73 22.22 24.19
C TYR B 18 6.62 21.18 24.02
N TYR B 19 6.46 20.67 22.81
CA TYR B 19 5.40 19.69 22.53
C TYR B 19 4.09 20.29 23.02
N PRO B 20 3.77 21.50 22.56
CA PRO B 20 2.53 22.16 22.98
C PRO B 20 1.24 21.50 22.55
N CYS B 21 1.22 20.95 21.34
CA CYS B 21 0.01 20.32 20.83
C CYS B 21 -0.32 18.99 21.49
N GLN B 22 -1.50 18.90 22.09
CA GLN B 22 -1.94 17.68 22.76
C GLN B 22 -2.88 16.86 21.87
N HIS B 23 -3.20 15.67 22.34
CA HIS B 23 -4.12 14.76 21.67
C HIS B 23 -3.94 14.61 20.17
N GLN B 24 -2.71 14.34 19.76
CA GLN B 24 -2.38 14.13 18.36
C GLN B 24 -2.49 15.36 17.47
N GLY B 25 -2.49 16.54 18.09
CA GLY B 25 -2.54 17.77 17.33
C GLY B 25 -1.16 17.91 16.71
N ILE B 26 -1.07 18.53 15.54
CA ILE B 26 0.20 18.68 14.82
C ILE B 26 0.83 20.07 14.94
N CYS B 27 2.06 20.11 15.48
CA CYS B 27 2.79 21.35 15.67
C CYS B 27 3.47 21.81 14.41
N VAL B 28 3.11 23.01 13.94
CA VAL B 28 3.70 23.56 12.74
C VAL B 28 4.26 24.97 12.99
N ARG B 29 5.49 25.16 12.57
CA ARG B 29 6.21 26.41 12.72
C ARG B 29 5.59 27.43 11.77
N PHE B 30 5.32 28.63 12.25
CA PHE B 30 4.74 29.69 11.43
C PHE B 30 5.48 30.99 11.70
N GLY B 31 5.73 31.76 10.66
CA GLY B 31 6.45 33.00 10.85
C GLY B 31 7.80 32.70 11.46
N LEU B 32 8.51 33.73 11.89
CA LEU B 32 9.83 33.55 12.48
C LEU B 32 9.84 32.82 13.81
N ASP B 33 8.83 33.04 14.64
CA ASP B 33 8.83 32.40 15.96
C ASP B 33 7.50 31.91 16.53
N ARG B 34 6.46 31.85 15.70
CA ARG B 34 5.17 31.37 16.20
C ARG B 34 4.99 29.90 15.87
N TYR B 35 3.91 29.31 16.37
CA TYR B 35 3.59 27.92 16.10
C TYR B 35 2.07 27.80 16.12
N GLN B 36 1.55 26.78 15.44
CA GLN B 36 0.12 26.54 15.43
C GLN B 36 -0.11 25.04 15.55
N CYS B 37 -1.26 24.66 16.09
CA CYS B 37 -1.60 23.25 16.22
C CYS B 37 -2.79 22.94 15.33
N ASP B 38 -2.65 21.93 14.49
CA ASP B 38 -3.75 21.54 13.62
C ASP B 38 -4.51 20.48 14.41
N CYS B 39 -5.64 20.87 15.00
CA CYS B 39 -6.44 19.94 15.82
C CYS B 39 -7.48 19.15 15.04
N THR B 40 -7.43 19.24 13.72
CA THR B 40 -8.37 18.54 12.88
C THR B 40 -8.64 17.10 13.32
N ARG B 41 -9.90 16.80 13.57
CA ARG B 41 -10.32 15.46 13.95
C ARG B 41 -9.70 14.87 15.21
N THR B 42 -9.20 15.69 16.11
CA THR B 42 -8.61 15.16 17.35
C THR B 42 -9.65 15.04 18.45
N GLY B 43 -10.78 15.70 18.27
CA GLY B 43 -11.82 15.68 19.29
C GLY B 43 -11.68 16.87 20.22
N TYR B 44 -10.66 17.69 19.97
CA TYR B 44 -10.39 18.88 20.77
C TYR B 44 -10.16 20.11 19.90
N SER B 45 -10.24 21.28 20.51
CA SER B 45 -10.00 22.53 19.80
C SER B 45 -9.16 23.37 20.76
N GLY B 46 -8.88 24.61 20.36
CA GLY B 46 -8.07 25.48 21.21
C GLY B 46 -6.66 25.61 20.67
N PRO B 47 -5.86 26.54 21.20
CA PRO B 47 -4.48 26.74 20.72
C PRO B 47 -3.66 25.46 20.77
N ASN B 48 -3.88 24.65 21.79
CA ASN B 48 -3.14 23.40 21.96
C ASN B 48 -3.96 22.14 21.86
N CYS B 49 -5.17 22.25 21.31
CA CYS B 49 -6.05 21.10 21.17
C CYS B 49 -6.29 20.49 22.55
N THR B 50 -6.71 21.32 23.50
CA THR B 50 -6.96 20.83 24.86
C THR B 50 -8.42 21.01 25.28
N ILE B 51 -9.21 21.73 24.47
CA ILE B 51 -10.62 21.95 24.78
C ILE B 51 -11.44 20.83 24.12
N PRO B 52 -11.87 19.86 24.93
CA PRO B 52 -12.66 18.72 24.46
C PRO B 52 -14.09 18.97 24.05
N GLU B 53 -14.53 18.16 23.09
CA GLU B 53 -15.90 18.21 22.59
C GLU B 53 -16.70 17.39 23.58
N ILE B 54 -18.01 17.56 23.60
CA ILE B 54 -18.84 16.82 24.54
C ILE B 54 -18.59 15.31 24.52
N TRP B 55 -18.65 14.68 23.35
CA TRP B 55 -18.42 13.23 23.28
C TRP B 55 -17.00 12.84 23.69
N THR B 56 -16.03 13.67 23.34
CA THR B 56 -14.64 13.39 23.69
C THR B 56 -14.50 13.32 25.20
N TRP B 57 -15.02 14.34 25.88
CA TRP B 57 -14.97 14.40 27.35
C TRP B 57 -15.67 13.20 27.96
N LEU B 58 -16.80 12.82 27.40
CA LEU B 58 -17.54 11.69 27.93
C LEU B 58 -16.72 10.42 27.83
N ARG B 59 -16.07 10.21 26.69
CA ARG B 59 -15.24 9.02 26.52
C ARG B 59 -14.05 9.01 27.48
N THR B 60 -13.33 10.12 27.58
CA THR B 60 -12.17 10.15 28.46
C THR B 60 -12.50 10.05 29.94
N THR B 61 -13.71 10.43 30.34
CA THR B 61 -14.06 10.33 31.76
C THR B 61 -14.76 9.00 32.09
N LEU B 62 -15.55 8.49 31.15
CA LEU B 62 -16.25 7.23 31.38
C LEU B 62 -15.37 6.01 31.09
N ARG B 63 -14.13 6.23 30.68
CA ARG B 63 -13.25 5.11 30.37
C ARG B 63 -12.38 4.71 31.56
N PRO B 64 -12.39 3.43 31.92
CA PRO B 64 -11.58 2.96 33.04
C PRO B 64 -10.09 2.96 32.66
N SER B 65 -9.22 3.03 33.65
CA SER B 65 -7.79 3.05 33.40
C SER B 65 -7.26 1.74 32.83
N PRO B 66 -6.10 1.78 32.15
CA PRO B 66 -5.50 0.58 31.58
C PRO B 66 -5.32 -0.47 32.67
N SER B 67 -5.04 0.02 33.87
CA SER B 67 -4.83 -0.84 35.03
C SER B 67 -6.10 -1.53 35.51
N PHE B 68 -7.24 -0.86 35.40
CA PHE B 68 -8.51 -1.44 35.83
C PHE B 68 -9.02 -2.46 34.82
N ILE B 69 -8.89 -2.13 33.53
CA ILE B 69 -9.34 -3.02 32.48
C ILE B 69 -8.51 -4.29 32.55
N HIS B 70 -7.21 -4.14 32.81
CA HIS B 70 -6.31 -5.28 32.92
C HIS B 70 -6.78 -6.18 34.05
N PHE B 71 -7.24 -5.55 35.14
CA PHE B 71 -7.75 -6.29 36.29
C PHE B 71 -8.94 -7.15 35.88
N LEU B 72 -9.92 -6.52 35.25
CA LEU B 72 -11.12 -7.22 34.79
C LEU B 72 -10.79 -8.42 33.91
N LEU B 73 -9.78 -8.25 33.05
CA LEU B 73 -9.38 -9.30 32.12
C LEU B 73 -8.62 -10.47 32.72
N THR B 74 -8.09 -10.29 33.92
CA THR B 74 -7.33 -11.37 34.55
C THR B 74 -7.96 -11.89 35.84
N HIS B 75 -9.27 -11.76 35.96
CA HIS B 75 -9.98 -12.22 37.15
C HIS B 75 -11.36 -12.73 36.76
N GLY B 76 -11.95 -13.57 37.60
CA GLY B 76 -13.25 -14.11 37.31
C GLY B 76 -13.27 -15.07 36.13
N ARG B 77 -12.42 -16.09 36.17
CA ARG B 77 -12.36 -17.08 35.10
C ARG B 77 -13.75 -17.60 34.75
N TRP B 78 -14.52 -17.96 35.77
CA TRP B 78 -15.86 -18.48 35.56
C TRP B 78 -16.68 -17.56 34.66
N LEU B 79 -16.68 -16.28 34.97
CA LEU B 79 -17.45 -15.34 34.17
C LEU B 79 -16.96 -15.32 32.73
N TRP B 80 -15.65 -15.22 32.55
CA TRP B 80 -15.06 -15.19 31.22
C TRP B 80 -15.37 -16.42 30.40
N ASP B 81 -15.29 -17.59 31.02
CA ASP B 81 -15.59 -18.84 30.34
C ASP B 81 -16.99 -18.78 29.74
N PHE B 82 -17.92 -18.20 30.50
CA PHE B 82 -19.30 -18.05 30.06
C PHE B 82 -19.33 -17.14 28.83
N VAL B 83 -18.68 -15.99 28.96
CA VAL B 83 -18.60 -15.01 27.88
C VAL B 83 -17.92 -15.58 26.63
N ASN B 84 -16.77 -16.24 26.82
CA ASN B 84 -16.05 -16.79 25.68
C ASN B 84 -16.89 -17.72 24.81
N ALA B 85 -17.96 -18.28 25.37
CA ALA B 85 -18.82 -19.20 24.62
C ALA B 85 -19.98 -18.48 23.95
N THR B 86 -20.04 -17.16 24.10
CA THR B 86 -21.11 -16.38 23.50
C THR B 86 -20.59 -15.41 22.46
N PHE B 87 -21.50 -14.69 21.83
CA PHE B 87 -21.13 -13.72 20.82
C PHE B 87 -20.37 -12.57 21.45
N ILE B 88 -20.45 -12.45 22.77
CA ILE B 88 -19.75 -11.37 23.46
C ILE B 88 -18.25 -11.50 23.20
N ARG B 89 -17.81 -12.70 22.88
CA ARG B 89 -16.40 -12.91 22.57
C ARG B 89 -16.03 -12.12 21.33
N ASP B 90 -16.84 -12.24 20.27
CA ASP B 90 -16.59 -11.51 19.04
C ASP B 90 -16.69 -10.00 19.28
N THR B 91 -17.69 -9.61 20.05
CA THR B 91 -17.92 -8.20 20.36
C THR B 91 -16.68 -7.56 21.01
N LEU B 92 -16.13 -8.21 22.03
CA LEU B 92 -14.96 -7.67 22.69
C LEU B 92 -13.72 -7.73 21.81
N MET B 93 -13.56 -8.80 21.04
CA MET B 93 -12.39 -8.93 20.16
C MET B 93 -12.40 -7.83 19.10
N ARG B 94 -13.59 -7.48 18.64
CA ARG B 94 -13.73 -6.42 17.64
C ARG B 94 -13.40 -5.08 18.29
N LEU B 95 -13.82 -4.91 19.54
CA LEU B 95 -13.55 -3.68 20.28
C LEU B 95 -12.05 -3.52 20.40
N VAL B 96 -11.39 -4.56 20.90
CA VAL B 96 -9.95 -4.59 21.09
C VAL B 96 -9.20 -4.28 19.79
N LEU B 97 -9.61 -4.94 18.70
CA LEU B 97 -8.99 -4.74 17.40
C LEU B 97 -9.11 -3.30 16.92
N THR B 98 -10.32 -2.77 16.94
CA THR B 98 -10.56 -1.40 16.47
C THR B 98 -10.00 -0.30 17.35
N VAL B 99 -10.15 -0.42 18.66
CA VAL B 99 -9.65 0.62 19.57
C VAL B 99 -8.12 0.67 19.58
N ARG B 100 -7.48 -0.50 19.59
CA ARG B 100 -6.03 -0.57 19.60
C ARG B 100 -5.47 -0.04 18.27
N SER B 101 -6.10 -0.44 17.16
CA SER B 101 -5.67 -0.04 15.82
C SER B 101 -5.80 1.43 15.48
N ASN B 102 -6.93 2.03 15.85
CA ASN B 102 -7.16 3.44 15.57
C ASN B 102 -6.03 4.30 16.07
N LEU B 103 -5.22 3.74 16.95
CA LEU B 103 -4.10 4.49 17.51
C LEU B 103 -2.87 4.52 16.60
N ILE B 104 -2.95 3.85 15.44
CA ILE B 104 -1.82 3.83 14.51
C ILE B 104 -2.17 4.52 13.21
N PRO B 105 -1.38 5.53 12.82
CA PRO B 105 -1.67 6.25 11.59
C PRO B 105 -1.61 5.33 10.37
N SER B 106 -2.59 5.50 9.47
CA SER B 106 -2.66 4.69 8.26
C SER B 106 -3.53 5.36 7.21
N PRO B 107 -2.95 5.79 6.09
CA PRO B 107 -1.56 5.75 5.63
C PRO B 107 -0.51 6.17 6.66
N PRO B 108 0.71 5.64 6.54
CA PRO B 108 1.79 5.98 7.46
C PRO B 108 2.10 7.48 7.42
N THR B 109 2.75 7.95 8.47
CA THR B 109 3.02 9.35 8.66
C THR B 109 4.47 9.85 8.43
N TYR B 110 5.31 9.89 9.47
CA TYR B 110 6.67 10.39 9.32
C TYR B 110 7.75 9.32 9.28
N ASN B 111 8.97 9.75 8.95
CA ASN B 111 10.12 8.86 8.92
C ASN B 111 11.35 9.64 9.39
N ILE B 112 12.48 8.96 9.54
CA ILE B 112 13.70 9.60 10.03
C ILE B 112 14.13 10.87 9.30
N ALA B 113 13.69 11.02 8.06
CA ALA B 113 14.06 12.20 7.28
C ALA B 113 13.00 13.29 7.25
N HIS B 114 11.73 12.91 7.46
CA HIS B 114 10.65 13.89 7.40
C HIS B 114 9.74 13.88 8.62
N ASP B 115 9.75 14.97 9.38
CA ASP B 115 8.89 15.10 10.54
C ASP B 115 7.59 15.76 10.08
N TYR B 116 7.12 15.32 8.92
CA TYR B 116 5.90 15.86 8.35
C TYR B 116 5.48 14.94 7.22
N ILE B 117 4.19 14.95 6.88
CA ILE B 117 3.71 14.11 5.80
C ILE B 117 4.33 14.54 4.47
N SER B 118 4.70 13.56 3.64
CA SER B 118 5.29 13.84 2.34
C SER B 118 5.05 12.66 1.43
N TRP B 119 5.11 12.89 0.13
CA TRP B 119 4.91 11.79 -0.81
C TRP B 119 6.06 10.81 -0.70
N GLU B 120 7.24 11.32 -0.36
CA GLU B 120 8.41 10.48 -0.22
C GLU B 120 8.24 9.55 0.98
N SER B 121 7.73 10.08 2.09
CA SER B 121 7.54 9.25 3.27
C SER B 121 6.51 8.16 2.98
N PHE B 122 5.49 8.49 2.19
CA PHE B 122 4.46 7.51 1.88
C PHE B 122 4.88 6.41 0.90
N SER B 123 5.64 6.77 -0.13
CA SER B 123 5.99 5.77 -1.12
C SER B 123 7.29 5.02 -0.87
N ASN B 124 8.19 5.63 -0.11
CA ASN B 124 9.48 5.04 0.17
C ASN B 124 9.55 3.99 1.27
N VAL B 125 9.35 2.74 0.88
CA VAL B 125 9.33 1.61 1.80
C VAL B 125 10.64 1.22 2.49
N SER B 126 11.77 1.84 2.11
CA SER B 126 13.02 1.50 2.77
C SER B 126 13.11 2.18 4.15
N TYR B 127 12.18 3.07 4.43
CA TYR B 127 12.15 3.80 5.71
C TYR B 127 11.20 3.14 6.70
N TYR B 128 11.60 3.10 7.97
CA TYR B 128 10.70 2.61 9.01
C TYR B 128 9.88 3.89 9.21
N THR B 129 8.64 3.78 9.65
CA THR B 129 7.87 5.00 9.87
C THR B 129 8.06 5.34 11.35
N ARG B 130 7.41 6.40 11.81
CA ARG B 130 7.50 6.77 13.22
C ARG B 130 6.17 7.43 13.63
N ILE B 131 5.71 7.14 14.84
CA ILE B 131 4.45 7.67 15.33
C ILE B 131 4.51 9.12 15.78
N LEU B 132 5.60 9.48 16.44
CA LEU B 132 5.77 10.85 16.91
C LEU B 132 6.95 11.43 16.15
N PRO B 133 6.88 12.71 15.77
CA PRO B 133 7.99 13.32 15.05
C PRO B 133 9.21 13.34 15.94
N SER B 134 10.39 13.54 15.36
CA SER B 134 11.60 13.58 16.17
C SER B 134 11.68 14.80 17.06
N VAL B 135 12.63 14.78 17.99
CA VAL B 135 12.86 15.92 18.86
C VAL B 135 13.61 16.89 17.94
N PRO B 136 13.00 18.05 17.62
CA PRO B 136 13.66 19.02 16.74
C PRO B 136 15.14 19.21 17.10
N ARG B 137 16.00 19.10 16.08
CA ARG B 137 17.45 19.23 16.27
C ARG B 137 17.90 20.52 16.97
N ASP B 138 17.11 21.58 16.85
CA ASP B 138 17.47 22.86 17.45
C ASP B 138 16.86 23.13 18.84
N CYS B 139 16.54 22.08 19.57
CA CYS B 139 15.96 22.26 20.90
C CYS B 139 17.05 22.46 21.96
N PRO B 140 16.71 23.14 23.06
CA PRO B 140 17.62 23.44 24.18
C PRO B 140 18.29 22.19 24.74
N THR B 141 17.51 21.12 24.89
CA THR B 141 18.03 19.87 25.42
C THR B 141 17.79 18.73 24.44
N PRO B 142 18.55 17.64 24.60
CA PRO B 142 18.40 16.48 23.71
C PRO B 142 16.99 15.92 23.65
N MET B 143 16.24 16.09 24.74
CA MET B 143 14.87 15.57 24.80
C MET B 143 13.80 16.64 24.55
N GLY B 144 14.25 17.87 24.35
CA GLY B 144 13.30 18.96 24.11
C GLY B 144 13.69 20.18 24.92
N THR B 145 13.09 20.32 26.09
CA THR B 145 13.41 21.45 26.96
C THR B 145 13.59 20.98 28.40
N LYS B 146 13.62 19.66 28.60
CA LYS B 146 13.79 19.12 29.94
C LYS B 146 15.02 18.21 30.02
N GLY B 147 15.49 18.00 31.25
CA GLY B 147 16.66 17.16 31.45
C GLY B 147 17.93 17.96 31.35
N LYS B 148 19.06 17.26 31.36
CA LYS B 148 20.38 17.90 31.29
C LYS B 148 20.84 18.09 29.85
N LYS B 149 21.89 18.86 29.66
CA LYS B 149 22.43 19.10 28.32
C LYS B 149 22.97 17.82 27.70
N GLN B 150 23.33 16.86 28.55
CA GLN B 150 23.86 15.60 28.07
C GLN B 150 23.11 14.45 28.73
N LEU B 151 22.70 13.48 27.90
CA LEU B 151 21.97 12.33 28.39
C LEU B 151 22.86 11.37 29.15
N PRO B 152 22.27 10.54 30.02
CA PRO B 152 23.06 9.58 30.80
C PRO B 152 23.81 8.63 29.86
N ASP B 153 25.00 8.23 30.27
CA ASP B 153 25.80 7.32 29.46
C ASP B 153 25.06 6.00 29.23
N ALA B 154 24.83 5.66 27.96
CA ALA B 154 24.12 4.43 27.58
C ALA B 154 24.67 3.19 28.27
N GLU B 155 25.99 3.03 28.24
CA GLU B 155 26.67 1.89 28.86
C GLU B 155 26.30 1.80 30.34
N PHE B 156 26.54 2.90 31.06
CA PHE B 156 26.27 3.00 32.48
C PHE B 156 24.81 2.71 32.86
N LEU B 157 23.90 3.31 32.10
CA LEU B 157 22.47 3.15 32.33
C LEU B 157 22.10 1.65 32.25
N SER B 158 22.71 0.95 31.29
CA SER B 158 22.46 -0.47 31.09
C SER B 158 23.00 -1.34 32.22
N ARG B 159 24.25 -1.11 32.63
CA ARG B 159 24.83 -1.90 33.70
C ARG B 159 24.11 -1.69 35.01
N ARG B 160 23.75 -0.44 35.29
CA ARG B 160 23.05 -0.05 36.51
C ARG B 160 21.61 -0.55 36.60
N PHE B 161 20.85 -0.41 35.52
CA PHE B 161 19.45 -0.80 35.57
C PHE B 161 18.94 -1.93 34.69
N LEU B 162 19.73 -2.37 33.72
CA LEU B 162 19.25 -3.43 32.84
C LEU B 162 19.98 -4.76 32.98
N LEU B 163 21.22 -4.73 33.48
CA LEU B 163 22.03 -5.94 33.63
C LEU B 163 21.41 -6.94 34.60
N ARG B 164 21.47 -8.21 34.23
CA ARG B 164 20.94 -9.25 35.07
C ARG B 164 21.96 -9.62 36.16
N ARG B 165 21.47 -9.78 37.38
CA ARG B 165 22.31 -10.16 38.48
C ARG B 165 21.81 -11.57 38.80
N LYS B 166 20.56 -11.67 39.23
CA LYS B 166 19.95 -12.95 39.55
C LYS B 166 18.84 -13.18 38.51
N PHE B 167 18.82 -14.35 37.88
CA PHE B 167 17.80 -14.65 36.88
C PHE B 167 16.39 -14.55 37.45
N ILE B 168 15.56 -13.74 36.83
CA ILE B 168 14.18 -13.56 37.26
C ILE B 168 13.28 -14.19 36.19
N PRO B 169 12.68 -15.35 36.51
CA PRO B 169 11.80 -15.99 35.52
C PRO B 169 10.52 -15.22 35.34
N ASP B 170 9.86 -15.42 34.20
CA ASP B 170 8.60 -14.75 33.94
C ASP B 170 7.50 -15.39 34.79
N PRO B 171 6.86 -14.59 35.65
CA PRO B 171 5.80 -15.15 36.48
C PRO B 171 4.62 -15.71 35.68
N GLN B 172 4.49 -15.36 34.41
CA GLN B 172 3.38 -15.88 33.61
C GLN B 172 3.67 -17.25 33.00
N GLY B 173 4.82 -17.82 33.33
CA GLY B 173 5.16 -19.13 32.81
C GLY B 173 5.64 -19.24 31.38
N THR B 174 5.93 -18.11 30.75
CA THR B 174 6.40 -18.10 29.37
C THR B 174 7.72 -18.87 29.26
N ASN B 175 7.86 -19.66 28.21
CA ASN B 175 9.07 -20.47 28.01
C ASN B 175 9.96 -20.01 26.84
N LEU B 176 11.04 -20.76 26.59
CA LEU B 176 11.96 -20.44 25.50
C LEU B 176 11.38 -20.76 24.14
N MET B 177 10.39 -21.66 24.12
CA MET B 177 9.73 -22.02 22.87
C MET B 177 9.06 -20.74 22.39
N PHE B 178 8.53 -19.99 23.33
CA PHE B 178 7.88 -18.71 23.04
C PHE B 178 8.93 -17.69 22.65
N ALA B 179 9.95 -17.59 23.49
CA ALA B 179 11.05 -16.64 23.29
C ALA B 179 11.66 -16.74 21.89
N PHE B 180 11.93 -17.95 21.44
CA PHE B 180 12.51 -18.10 20.11
C PHE B 180 11.48 -17.83 19.01
N PHE B 181 10.22 -18.13 19.29
CA PHE B 181 9.18 -17.87 18.30
C PHE B 181 9.14 -16.35 18.06
N ALA B 182 9.19 -15.59 19.15
CA ALA B 182 9.17 -14.13 19.08
C ALA B 182 10.31 -13.57 18.25
N GLN B 183 11.51 -14.07 18.52
CA GLN B 183 12.71 -13.62 17.82
C GLN B 183 12.59 -13.98 16.33
N HIS B 184 12.19 -15.22 16.08
CA HIS B 184 12.01 -15.71 14.72
C HIS B 184 10.97 -14.86 14.00
N PHE B 185 9.76 -14.83 14.55
CA PHE B 185 8.62 -14.09 14.00
C PHE B 185 8.90 -12.62 13.70
N THR B 186 9.39 -11.87 14.69
CA THR B 186 9.67 -10.45 14.51
C THR B 186 10.79 -10.14 13.53
N HIS B 187 11.76 -11.05 13.41
CA HIS B 187 12.88 -10.82 12.51
C HIS B 187 12.51 -10.89 11.03
N GLN B 188 11.23 -11.01 10.75
CA GLN B 188 10.76 -11.03 9.37
C GLN B 188 10.37 -9.60 9.02
N PHE B 189 10.08 -8.77 10.02
CA PHE B 189 9.73 -7.37 9.75
C PHE B 189 10.62 -6.32 10.43
N PHE B 190 11.59 -6.78 11.22
CA PHE B 190 12.55 -5.88 11.84
C PHE B 190 13.89 -6.30 11.23
N LYS B 191 14.32 -5.59 10.20
CA LYS B 191 15.60 -5.90 9.55
C LYS B 191 16.31 -4.61 9.24
N THR B 192 16.85 -3.97 10.26
CA THR B 192 17.55 -2.71 10.10
C THR B 192 18.75 -2.86 9.17
N SER B 193 18.87 -1.93 8.23
CA SER B 193 19.95 -1.94 7.24
C SER B 193 21.24 -1.28 7.70
N GLY B 194 22.31 -2.07 7.78
CA GLY B 194 23.58 -1.52 8.20
C GLY B 194 24.10 -0.49 7.20
N LYS B 195 23.97 -0.79 5.92
CA LYS B 195 24.44 0.11 4.88
C LYS B 195 23.76 1.49 4.95
N MET B 196 22.43 1.52 4.98
CA MET B 196 21.71 2.79 5.01
C MET B 196 21.67 3.50 6.37
N GLY B 197 21.85 2.76 7.46
CA GLY B 197 21.84 3.37 8.76
C GLY B 197 20.55 3.18 9.53
N PRO B 198 20.49 3.62 10.79
CA PRO B 198 19.25 3.45 11.54
C PRO B 198 18.13 4.21 10.84
N GLY B 199 16.91 3.73 10.99
CA GLY B 199 15.78 4.40 10.35
C GLY B 199 15.43 3.75 9.03
N PHE B 200 16.27 2.84 8.55
CA PHE B 200 16.03 2.16 7.29
C PHE B 200 15.92 0.66 7.47
N THR B 201 15.10 0.03 6.63
CA THR B 201 14.91 -1.40 6.75
C THR B 201 14.99 -2.12 5.43
N LYS B 202 15.37 -3.39 5.48
CA LYS B 202 15.46 -4.22 4.29
C LYS B 202 14.21 -5.06 4.19
N ALA B 203 13.47 -5.12 5.28
CA ALA B 203 12.24 -5.91 5.31
C ALA B 203 11.11 -5.17 4.61
N LEU B 204 11.29 -4.87 3.33
CA LEU B 204 10.23 -4.22 2.59
C LEU B 204 9.13 -5.26 2.84
N GLY B 205 7.87 -4.90 2.80
CA GLY B 205 6.90 -5.93 3.13
C GLY B 205 6.27 -5.46 4.43
N HIS B 206 7.10 -4.90 5.30
CA HIS B 206 6.64 -4.32 6.54
C HIS B 206 5.56 -5.08 7.28
N GLY B 207 5.71 -6.38 7.42
CA GLY B 207 4.71 -7.13 8.13
C GLY B 207 4.90 -8.62 8.10
N VAL B 208 3.78 -9.33 8.16
CA VAL B 208 3.79 -10.78 8.16
C VAL B 208 3.71 -11.26 6.71
N ASP B 209 4.85 -11.23 6.04
CA ASP B 209 4.91 -11.66 4.64
C ASP B 209 5.71 -12.93 4.58
N LEU B 210 6.18 -13.35 5.75
CA LEU B 210 6.98 -14.55 5.91
C LEU B 210 8.30 -14.47 5.15
N GLY B 211 8.81 -13.24 4.99
CA GLY B 211 10.06 -13.04 4.29
C GLY B 211 11.23 -13.76 4.95
N HIS B 212 11.09 -14.08 6.24
CA HIS B 212 12.13 -14.78 6.97
C HIS B 212 12.19 -16.26 6.58
N ILE B 213 11.21 -16.70 5.79
CA ILE B 213 11.18 -18.07 5.32
C ILE B 213 11.47 -18.12 3.83
N TYR B 214 10.84 -17.21 3.08
CA TYR B 214 10.99 -17.15 1.64
C TYR B 214 12.00 -16.14 1.11
N GLY B 215 12.57 -15.33 2.01
CA GLY B 215 13.54 -14.33 1.58
C GLY B 215 12.89 -12.98 1.42
N ASP B 216 13.65 -11.90 1.62
CA ASP B 216 13.08 -10.57 1.50
C ASP B 216 13.18 -10.01 0.07
N ASN B 217 13.70 -10.83 -0.85
CA ASN B 217 13.80 -10.43 -2.27
C ASN B 217 13.60 -11.65 -3.20
N LEU B 218 13.10 -11.39 -4.40
CA LEU B 218 12.82 -12.44 -5.37
C LEU B 218 14.00 -13.35 -5.68
N GLU B 219 15.15 -12.77 -5.98
CA GLU B 219 16.33 -13.58 -6.28
C GLU B 219 16.62 -14.63 -5.24
N ARG B 220 16.61 -14.20 -3.97
CA ARG B 220 16.89 -15.10 -2.86
C ARG B 220 15.82 -16.18 -2.80
N GLN B 221 14.56 -15.77 -2.92
CA GLN B 221 13.46 -16.72 -2.89
C GLN B 221 13.72 -17.80 -3.94
N TYR B 222 14.06 -17.36 -5.14
CA TYR B 222 14.31 -18.28 -6.25
C TYR B 222 15.42 -19.30 -5.96
N GLN B 223 16.47 -18.85 -5.28
CA GLN B 223 17.57 -19.74 -4.96
C GLN B 223 17.13 -20.77 -3.89
N LEU B 224 16.17 -20.38 -3.06
CA LEU B 224 15.65 -21.23 -1.99
C LEU B 224 14.60 -22.25 -2.48
N ARG B 225 13.88 -21.89 -3.54
CA ARG B 225 12.83 -22.78 -4.04
C ARG B 225 13.35 -23.93 -4.89
N LEU B 226 12.63 -25.04 -4.85
CA LEU B 226 12.97 -26.25 -5.59
C LEU B 226 12.49 -26.12 -7.03
N PHE B 227 11.42 -25.36 -7.20
CA PHE B 227 10.81 -25.16 -8.50
C PHE B 227 10.23 -26.46 -9.00
N LYS B 228 9.74 -27.23 -8.04
CA LYS B 228 9.10 -28.51 -8.30
C LYS B 228 8.05 -28.71 -7.21
N ASP B 229 6.80 -28.93 -7.62
CA ASP B 229 5.71 -29.16 -6.66
C ASP B 229 5.51 -27.99 -5.72
N GLY B 230 6.04 -26.83 -6.10
CA GLY B 230 5.93 -25.62 -5.30
C GLY B 230 6.70 -25.70 -4.00
N LYS B 231 7.56 -26.71 -3.88
CA LYS B 231 8.31 -26.90 -2.65
C LYS B 231 9.57 -26.06 -2.47
N LEU B 232 10.08 -26.09 -1.25
CA LEU B 232 11.28 -25.36 -0.89
C LEU B 232 12.40 -26.39 -0.87
N LYS B 233 13.60 -25.99 -1.30
CA LYS B 233 14.74 -26.90 -1.29
C LYS B 233 14.95 -27.42 0.14
N TYR B 234 15.59 -28.57 0.25
CA TYR B 234 15.84 -29.14 1.56
C TYR B 234 16.88 -30.24 1.47
N GLN B 235 17.24 -30.82 2.61
CA GLN B 235 18.22 -31.89 2.63
C GLN B 235 17.84 -32.90 3.71
N MET B 236 18.36 -34.11 3.59
CA MET B 236 18.08 -35.15 4.59
C MET B 236 19.30 -35.37 5.45
N LEU B 237 19.09 -35.44 6.76
CA LEU B 237 20.14 -35.70 7.72
C LEU B 237 19.49 -36.58 8.80
N ASN B 238 20.05 -37.77 9.00
CA ASN B 238 19.53 -38.74 9.97
C ASN B 238 18.09 -39.07 9.66
N GLY B 239 17.75 -39.06 8.37
CA GLY B 239 16.40 -39.39 7.97
C GLY B 239 15.39 -38.28 8.25
N GLU B 240 15.88 -37.14 8.70
CA GLU B 240 15.01 -35.99 8.98
C GLU B 240 15.19 -34.90 7.95
N VAL B 241 14.14 -34.11 7.74
CA VAL B 241 14.17 -33.02 6.76
C VAL B 241 14.66 -31.70 7.33
N TYR B 242 15.69 -31.13 6.69
CA TYR B 242 16.22 -29.86 7.16
C TYR B 242 16.43 -28.88 6.02
N PRO B 243 16.67 -27.61 6.36
CA PRO B 243 16.90 -26.60 5.32
C PRO B 243 18.17 -27.02 4.59
N PRO B 244 18.28 -26.68 3.30
CA PRO B 244 19.46 -27.04 2.49
C PRO B 244 20.70 -26.29 2.93
N SER B 245 21.84 -26.67 2.37
CA SER B 245 23.10 -26.00 2.70
C SER B 245 23.27 -24.86 1.71
N VAL B 246 24.13 -23.92 2.03
CA VAL B 246 24.38 -22.77 1.16
C VAL B 246 24.96 -23.24 -0.16
N GLU B 247 25.46 -24.46 -0.16
CA GLU B 247 26.04 -25.03 -1.36
C GLU B 247 24.96 -25.38 -2.38
N GLU B 248 23.87 -25.97 -1.93
CA GLU B 248 22.76 -26.33 -2.81
C GLU B 248 21.84 -25.14 -3.02
N ALA B 249 21.83 -24.23 -2.05
CA ALA B 249 21.01 -23.03 -2.10
C ALA B 249 21.93 -21.85 -1.82
N PRO B 250 22.72 -21.43 -2.83
CA PRO B 250 23.69 -20.32 -2.79
C PRO B 250 23.00 -18.99 -2.50
N VAL B 251 22.84 -18.71 -1.21
CA VAL B 251 22.19 -17.51 -0.73
C VAL B 251 23.06 -16.94 0.38
N LEU B 252 23.07 -15.63 0.54
CA LEU B 252 23.89 -15.00 1.57
C LEU B 252 23.40 -15.27 3.00
N MET B 253 24.25 -15.89 3.80
CA MET B 253 23.93 -16.19 5.20
C MET B 253 25.06 -15.62 6.05
N HIS B 254 24.72 -14.99 7.17
CA HIS B 254 25.73 -14.41 8.04
C HIS B 254 26.27 -15.40 9.03
N TYR B 255 27.30 -16.13 8.61
CA TYR B 255 27.95 -17.10 9.49
C TYR B 255 29.34 -16.57 9.76
N PRO B 256 29.95 -16.98 10.88
CA PRO B 256 31.30 -16.50 11.16
C PRO B 256 32.30 -17.05 10.16
N ARG B 257 33.25 -16.22 9.74
CA ARG B 257 34.29 -16.65 8.80
C ARG B 257 34.92 -17.91 9.35
N GLY B 258 35.19 -18.87 8.49
CA GLY B 258 35.82 -20.09 8.97
C GLY B 258 34.92 -21.30 8.90
N ILE B 259 33.63 -21.09 8.80
CA ILE B 259 32.69 -22.18 8.70
C ILE B 259 32.41 -22.45 7.22
N PRO B 260 32.47 -23.72 6.81
CA PRO B 260 32.23 -24.11 5.41
C PRO B 260 30.77 -24.04 4.97
N PRO B 261 30.53 -23.72 3.67
CA PRO B 261 29.19 -23.63 3.10
C PRO B 261 28.37 -24.90 3.35
N GLN B 262 29.05 -26.04 3.24
CA GLN B 262 28.42 -27.34 3.43
C GLN B 262 27.86 -27.52 4.83
N SER B 263 28.19 -26.62 5.74
CA SER B 263 27.67 -26.74 7.09
C SER B 263 26.85 -25.49 7.44
N GLN B 264 26.56 -24.69 6.41
CA GLN B 264 25.75 -23.47 6.55
C GLN B 264 24.38 -23.75 5.96
N MET B 265 23.33 -23.56 6.73
CA MET B 265 21.98 -23.77 6.22
C MET B 265 21.43 -22.48 5.61
N ALA B 266 20.69 -22.62 4.50
CA ALA B 266 20.08 -21.49 3.79
C ALA B 266 18.60 -21.41 4.17
N VAL B 267 18.15 -20.27 4.72
CA VAL B 267 16.74 -20.20 5.13
C VAL B 267 15.84 -19.01 4.81
N GLY B 268 16.38 -17.88 4.40
CA GLY B 268 15.46 -16.79 4.11
C GLY B 268 15.89 -15.54 4.85
N GLN B 269 16.11 -15.69 6.16
CA GLN B 269 16.59 -14.60 6.99
C GLN B 269 18.07 -14.88 7.22
N GLU B 270 18.93 -14.04 6.65
CA GLU B 270 20.37 -14.19 6.72
C GLU B 270 20.95 -14.43 8.12
N VAL B 271 20.26 -13.94 9.15
CA VAL B 271 20.74 -14.03 10.52
C VAL B 271 20.34 -15.28 11.30
N PHE B 272 19.52 -16.14 10.73
CA PHE B 272 19.08 -17.30 11.49
C PHE B 272 20.06 -18.42 11.81
N GLY B 273 21.24 -18.39 11.22
CA GLY B 273 22.20 -19.44 11.49
C GLY B 273 22.94 -19.19 12.80
N LEU B 274 22.64 -18.07 13.44
CA LEU B 274 23.30 -17.70 14.66
C LEU B 274 22.63 -18.18 15.96
N LEU B 275 21.67 -19.09 15.85
CA LEU B 275 20.98 -19.64 17.03
C LEU B 275 20.17 -20.89 16.67
N PRO B 276 20.36 -21.99 17.40
CA PRO B 276 19.61 -23.21 17.11
C PRO B 276 18.10 -22.99 17.23
N GLY B 277 17.71 -22.09 18.13
CA GLY B 277 16.30 -21.81 18.31
C GLY B 277 15.70 -21.21 17.05
N LEU B 278 16.45 -20.32 16.42
CA LEU B 278 15.99 -19.69 15.19
C LEU B 278 15.88 -20.71 14.06
N MET B 279 16.94 -21.50 13.85
CA MET B 279 16.95 -22.48 12.78
C MET B 279 15.90 -23.55 13.04
N LEU B 280 15.61 -23.79 14.31
CA LEU B 280 14.61 -24.77 14.71
C LEU B 280 13.31 -24.36 14.01
N TYR B 281 12.88 -23.12 14.26
CA TYR B 281 11.66 -22.63 13.66
C TYR B 281 11.76 -22.58 12.14
N ALA B 282 12.95 -22.31 11.63
CA ALA B 282 13.15 -22.27 10.19
C ALA B 282 12.82 -23.67 9.66
N THR B 283 13.31 -24.68 10.36
CA THR B 283 13.06 -26.06 9.96
C THR B 283 11.58 -26.43 10.02
N ILE B 284 10.94 -26.09 11.14
CA ILE B 284 9.54 -26.39 11.32
C ILE B 284 8.72 -25.79 10.19
N TRP B 285 8.83 -24.47 10.01
CA TRP B 285 8.08 -23.80 8.94
C TRP B 285 8.39 -24.30 7.53
N LEU B 286 9.64 -24.71 7.29
CA LEU B 286 10.00 -25.22 5.98
C LEU B 286 9.28 -26.54 5.74
N ARG B 287 9.24 -27.38 6.78
CA ARG B 287 8.56 -28.67 6.68
C ARG B 287 7.06 -28.46 6.46
N GLU B 288 6.48 -27.46 7.14
CA GLU B 288 5.07 -27.16 6.99
C GLU B 288 4.74 -26.65 5.58
N HIS B 289 5.67 -25.89 4.98
CA HIS B 289 5.42 -25.38 3.64
C HIS B 289 5.35 -26.55 2.65
N ASN B 290 6.35 -27.43 2.69
CA ASN B 290 6.37 -28.57 1.78
C ASN B 290 5.20 -29.51 2.03
N ARG B 291 4.76 -29.61 3.29
CA ARG B 291 3.64 -30.48 3.63
C ARG B 291 2.37 -29.94 2.98
N VAL B 292 2.15 -28.64 3.13
CA VAL B 292 1.00 -27.96 2.55
C VAL B 292 0.99 -28.12 1.03
N CYS B 293 2.18 -28.12 0.42
CA CYS B 293 2.27 -28.29 -1.02
C CYS B 293 1.66 -29.65 -1.40
N ASP B 294 1.97 -30.67 -0.62
CA ASP B 294 1.43 -32.01 -0.87
C ASP B 294 -0.10 -31.99 -0.85
N LEU B 295 -0.67 -31.47 0.23
CA LEU B 295 -2.12 -31.39 0.36
C LEU B 295 -2.72 -30.66 -0.85
N LEU B 296 -2.10 -29.54 -1.23
CA LEU B 296 -2.57 -28.75 -2.37
C LEU B 296 -2.56 -29.53 -3.69
N LYS B 297 -1.44 -30.19 -4.00
CA LYS B 297 -1.35 -30.96 -5.24
C LYS B 297 -2.39 -32.07 -5.30
N ALA B 298 -2.66 -32.67 -4.15
CA ALA B 298 -3.66 -33.73 -4.09
C ALA B 298 -4.99 -33.16 -4.55
N GLU B 299 -5.23 -31.90 -4.20
CA GLU B 299 -6.47 -31.20 -4.54
C GLU B 299 -6.46 -30.67 -5.97
N HIS B 300 -5.31 -30.19 -6.44
CA HIS B 300 -5.22 -29.62 -7.77
C HIS B 300 -4.09 -30.22 -8.60
N PRO B 301 -4.32 -31.43 -9.15
CA PRO B 301 -3.28 -32.09 -9.96
C PRO B 301 -2.86 -31.29 -11.19
N THR B 302 -3.70 -30.34 -11.64
CA THR B 302 -3.35 -29.54 -12.81
C THR B 302 -2.49 -28.31 -12.51
N TRP B 303 -2.33 -27.97 -11.23
CA TRP B 303 -1.53 -26.80 -10.85
C TRP B 303 -0.05 -26.91 -11.11
N GLY B 304 0.55 -25.78 -11.45
CA GLY B 304 1.99 -25.77 -11.70
C GLY B 304 2.75 -25.48 -10.42
N ASP B 305 4.07 -25.42 -10.54
CA ASP B 305 4.92 -25.17 -9.39
C ASP B 305 4.65 -23.79 -8.77
N GLU B 306 4.55 -22.76 -9.61
CA GLU B 306 4.32 -21.41 -9.11
C GLU B 306 3.05 -21.27 -8.26
N GLN B 307 1.91 -21.70 -8.78
CA GLN B 307 0.67 -21.59 -8.04
C GLN B 307 0.72 -22.39 -6.74
N LEU B 308 1.32 -23.58 -6.79
CA LEU B 308 1.44 -24.40 -5.59
C LEU B 308 2.26 -23.65 -4.53
N PHE B 309 3.34 -23.01 -4.98
CA PHE B 309 4.20 -22.27 -4.07
C PHE B 309 3.53 -21.01 -3.52
N GLN B 310 2.89 -20.24 -4.41
CA GLN B 310 2.24 -19.00 -4.00
C GLN B 310 1.10 -19.28 -3.03
N THR B 311 0.30 -20.29 -3.34
CA THR B 311 -0.84 -20.64 -2.51
C THR B 311 -0.42 -21.14 -1.13
N ALA B 312 0.64 -21.94 -1.08
CA ALA B 312 1.11 -22.46 0.18
C ALA B 312 1.60 -21.31 1.05
N ARG B 313 2.28 -20.34 0.42
CA ARG B 313 2.78 -19.18 1.15
C ARG B 313 1.63 -18.43 1.82
N LEU B 314 0.56 -18.18 1.07
CA LEU B 314 -0.59 -17.49 1.64
C LEU B 314 -1.13 -18.28 2.84
N ILE B 315 -1.16 -19.60 2.70
CA ILE B 315 -1.65 -20.46 3.77
C ILE B 315 -0.81 -20.30 5.05
N LEU B 316 0.52 -20.37 4.91
CA LEU B 316 1.39 -20.22 6.07
C LEU B 316 1.29 -18.83 6.68
N ILE B 317 1.04 -17.81 5.86
CA ILE B 317 0.89 -16.45 6.39
C ILE B 317 -0.34 -16.51 7.31
N GLY B 318 -1.40 -17.14 6.81
CA GLY B 318 -2.62 -17.28 7.60
C GLY B 318 -2.37 -18.06 8.89
N GLU B 319 -1.70 -19.21 8.78
CA GLU B 319 -1.40 -20.00 9.97
C GLU B 319 -0.62 -19.16 10.98
N THR B 320 0.32 -18.37 10.47
CA THR B 320 1.15 -17.52 11.33
C THR B 320 0.29 -16.51 12.07
N ILE B 321 -0.59 -15.82 11.35
CA ILE B 321 -1.43 -14.83 12.00
C ILE B 321 -2.33 -15.47 13.06
N LYS B 322 -2.92 -16.61 12.71
CA LYS B 322 -3.80 -17.35 13.61
C LYS B 322 -3.10 -17.72 14.91
N ILE B 323 -1.94 -18.32 14.80
CA ILE B 323 -1.21 -18.73 15.99
C ILE B 323 -0.71 -17.54 16.81
N VAL B 324 -0.26 -16.48 16.15
CA VAL B 324 0.24 -15.33 16.89
C VAL B 324 -0.86 -14.69 17.72
N ILE B 325 -2.07 -14.62 17.16
CA ILE B 325 -3.16 -14.00 17.90
C ILE B 325 -3.73 -14.88 19.01
N GLU B 326 -4.16 -16.07 18.63
CA GLU B 326 -4.79 -16.98 19.58
C GLU B 326 -3.89 -17.71 20.57
N GLU B 327 -2.59 -17.79 20.31
CA GLU B 327 -1.70 -18.48 21.24
C GLU B 327 -0.57 -17.59 21.78
N TYR B 328 0.13 -16.93 20.87
CA TYR B 328 1.23 -16.04 21.21
C TYR B 328 0.73 -14.86 22.06
N VAL B 329 -0.02 -13.96 21.44
CA VAL B 329 -0.56 -12.80 22.16
C VAL B 329 -1.35 -13.25 23.40
N GLN B 330 -2.09 -14.35 23.27
CA GLN B 330 -2.88 -14.88 24.38
C GLN B 330 -1.96 -15.10 25.57
N GLN B 331 -0.86 -15.82 25.35
CA GLN B 331 0.11 -16.11 26.42
C GLN B 331 0.69 -14.84 27.05
N LEU B 332 1.06 -13.86 26.22
CA LEU B 332 1.61 -12.61 26.73
C LEU B 332 0.57 -11.84 27.52
N SER B 333 -0.61 -11.67 26.94
CA SER B 333 -1.70 -10.94 27.59
C SER B 333 -2.06 -11.47 28.98
N GLY B 334 -2.26 -12.77 29.09
CA GLY B 334 -2.64 -13.32 30.38
C GLY B 334 -4.15 -13.21 30.54
N TYR B 335 -4.81 -12.64 29.54
CA TYR B 335 -6.26 -12.44 29.55
C TYR B 335 -7.11 -13.71 29.61
N PHE B 336 -8.23 -13.63 30.32
CA PHE B 336 -9.15 -14.75 30.43
C PHE B 336 -10.08 -14.69 29.24
N LEU B 337 -10.08 -13.54 28.58
CA LEU B 337 -10.88 -13.36 27.39
C LEU B 337 -10.16 -14.19 26.34
N GLN B 338 -10.90 -15.03 25.63
CA GLN B 338 -10.32 -15.88 24.61
C GLN B 338 -10.18 -15.09 23.30
N LEU B 339 -8.95 -14.64 23.04
CA LEU B 339 -8.68 -13.86 21.83
C LEU B 339 -9.06 -14.65 20.61
N LYS B 340 -9.30 -13.96 19.51
CA LYS B 340 -9.72 -14.66 18.30
C LYS B 340 -9.23 -14.03 17.02
N PHE B 341 -8.84 -14.88 16.07
CA PHE B 341 -8.41 -14.40 14.78
C PHE B 341 -9.51 -14.69 13.78
N ASP B 342 -10.22 -13.64 13.41
CA ASP B 342 -11.31 -13.75 12.45
C ASP B 342 -11.40 -12.42 11.72
N PRO B 343 -10.87 -12.35 10.49
CA PRO B 343 -10.87 -11.15 9.66
C PRO B 343 -12.26 -10.56 9.51
N GLU B 344 -13.26 -11.42 9.47
CA GLU B 344 -14.63 -10.96 9.30
C GLU B 344 -15.06 -9.98 10.38
N LEU B 345 -14.46 -10.08 11.55
CA LEU B 345 -14.81 -9.17 12.64
C LEU B 345 -14.65 -7.71 12.22
N LEU B 346 -13.85 -7.46 11.20
CA LEU B 346 -13.62 -6.09 10.74
C LEU B 346 -14.33 -5.70 9.44
N PHE B 347 -15.03 -6.65 8.82
CA PHE B 347 -15.71 -6.35 7.56
C PHE B 347 -16.73 -5.23 7.62
N GLY B 348 -17.23 -4.93 8.81
CA GLY B 348 -18.20 -3.85 8.91
C GLY B 348 -17.60 -2.56 9.44
N ALA B 349 -16.28 -2.52 9.53
CA ALA B 349 -15.57 -1.36 10.06
C ALA B 349 -14.71 -0.63 9.04
N GLN B 350 -14.30 0.57 9.39
CA GLN B 350 -13.44 1.39 8.54
C GLN B 350 -12.02 1.03 8.96
N PHE B 351 -11.34 0.25 8.14
CA PHE B 351 -10.01 -0.23 8.47
C PHE B 351 -9.14 -0.34 7.21
N GLN B 352 -7.92 0.20 7.26
CA GLN B 352 -7.01 0.13 6.12
C GLN B 352 -6.17 -1.14 6.19
N TYR B 353 -6.22 -1.95 5.14
CA TYR B 353 -5.43 -3.15 5.13
C TYR B 353 -4.02 -2.91 4.62
N ARG B 354 -3.27 -2.12 5.37
CA ARG B 354 -1.88 -1.84 5.04
C ARG B 354 -1.14 -1.64 6.34
N ASN B 355 0.18 -1.75 6.31
CA ASN B 355 0.98 -1.59 7.50
C ASN B 355 2.38 -1.14 7.17
N ARG B 356 2.98 -0.38 8.08
CA ARG B 356 4.33 0.12 7.90
C ARG B 356 5.02 0.02 9.25
N ILE B 357 6.07 -0.77 9.35
CA ILE B 357 6.77 -0.94 10.63
C ILE B 357 7.31 0.38 11.12
N ALA B 358 7.08 0.67 12.38
CA ALA B 358 7.52 1.92 13.00
C ALA B 358 8.81 1.67 13.78
N MET B 359 9.69 2.68 13.82
CA MET B 359 10.94 2.55 14.54
C MET B 359 10.69 2.36 16.04
N GLU B 360 9.60 2.93 16.54
CA GLU B 360 9.31 2.79 17.95
C GLU B 360 8.92 1.36 18.26
N PHE B 361 8.22 0.73 17.32
CA PHE B 361 7.79 -0.65 17.47
C PHE B 361 9.01 -1.56 17.48
N ASN B 362 10.06 -1.17 16.73
CA ASN B 362 11.29 -1.94 16.69
C ASN B 362 11.98 -1.85 18.06
N GLN B 363 12.07 -0.65 18.60
CA GLN B 363 12.69 -0.43 19.90
C GLN B 363 12.01 -1.28 20.97
N LEU B 364 10.69 -1.17 21.00
CA LEU B 364 9.85 -1.88 21.97
C LEU B 364 9.98 -3.40 21.95
N TYR B 365 10.22 -3.98 20.78
CA TYR B 365 10.32 -5.43 20.68
C TYR B 365 11.68 -6.02 21.05
N HIS B 366 12.53 -5.23 21.68
CA HIS B 366 13.81 -5.75 22.10
C HIS B 366 13.63 -6.44 23.46
N TRP B 367 13.10 -7.66 23.40
CA TRP B 367 12.81 -8.46 24.59
C TRP B 367 13.93 -9.40 25.03
N HIS B 368 15.17 -8.93 24.98
CA HIS B 368 16.30 -9.77 25.36
C HIS B 368 16.27 -10.32 26.79
N PRO B 369 15.52 -9.68 27.71
CA PRO B 369 15.49 -10.24 29.06
C PRO B 369 14.91 -11.66 29.07
N LEU B 370 14.25 -12.03 27.98
CA LEU B 370 13.66 -13.36 27.88
C LEU B 370 14.73 -14.45 27.91
N MET B 371 15.90 -14.17 27.32
CA MET B 371 16.96 -15.17 27.28
C MET B 371 17.47 -15.52 28.67
N PRO B 372 17.71 -16.82 28.90
CA PRO B 372 18.21 -17.38 30.17
C PRO B 372 19.72 -17.24 30.39
N ASP B 373 20.19 -17.82 31.49
CA ASP B 373 21.60 -17.79 31.82
C ASP B 373 22.34 -18.85 31.02
N SER B 374 21.64 -19.94 30.73
CA SER B 374 22.18 -21.04 29.96
C SER B 374 21.01 -21.77 29.32
N PHE B 375 21.29 -22.72 28.45
CA PHE B 375 20.24 -23.45 27.75
C PHE B 375 20.24 -24.94 28.05
N ARG B 376 19.23 -25.37 28.78
CA ARG B 376 19.11 -26.77 29.18
C ARG B 376 18.37 -27.65 28.19
N VAL B 377 19.04 -28.70 27.74
CA VAL B 377 18.45 -29.67 26.82
C VAL B 377 18.59 -31.02 27.50
N GLY B 378 17.55 -31.43 28.20
CA GLY B 378 17.60 -32.69 28.92
C GLY B 378 18.61 -32.58 30.04
N PRO B 379 19.52 -33.55 30.18
CA PRO B 379 20.53 -33.50 31.25
C PRO B 379 21.63 -32.48 30.98
N GLN B 380 21.92 -32.22 29.71
CA GLN B 380 22.96 -31.27 29.34
C GLN B 380 22.54 -29.82 29.47
N ASP B 381 23.46 -29.02 29.99
CA ASP B 381 23.23 -27.60 30.17
C ASP B 381 24.26 -26.91 29.26
N TYR B 382 23.79 -26.18 28.26
CA TYR B 382 24.69 -25.51 27.35
C TYR B 382 24.84 -24.03 27.65
N SER B 383 26.08 -23.55 27.58
CA SER B 383 26.36 -22.15 27.82
C SER B 383 26.12 -21.35 26.54
N TYR B 384 26.21 -20.03 26.64
CA TYR B 384 26.03 -19.17 25.49
C TYR B 384 27.09 -19.48 24.44
N GLU B 385 28.33 -19.70 24.90
CA GLU B 385 29.43 -19.99 23.98
C GLU B 385 29.25 -21.33 23.28
N GLN B 386 28.49 -22.23 23.88
CA GLN B 386 28.23 -23.54 23.28
C GLN B 386 26.94 -23.51 22.47
N PHE B 387 26.20 -22.42 22.59
CA PHE B 387 24.90 -22.28 21.93
C PHE B 387 24.81 -21.30 20.77
N LEU B 388 25.41 -20.13 20.94
CA LEU B 388 25.34 -19.08 19.93
C LEU B 388 25.59 -19.34 18.46
N PHE B 389 26.63 -20.06 18.07
CA PHE B 389 26.78 -20.25 16.64
C PHE B 389 26.86 -21.72 16.28
N ASN B 390 26.26 -22.53 17.15
CA ASN B 390 26.28 -23.96 16.99
C ASN B 390 25.62 -24.42 15.71
N THR B 391 26.40 -25.04 14.85
CA THR B 391 25.92 -25.54 13.57
C THR B 391 25.55 -27.02 13.58
N SER B 392 25.64 -27.67 14.74
CA SER B 392 25.31 -29.09 14.79
C SER B 392 24.24 -29.47 15.79
N MET B 393 24.01 -28.62 16.79
CA MET B 393 23.01 -28.94 17.81
C MET B 393 21.64 -29.32 17.27
N LEU B 394 21.10 -28.53 16.33
CA LEU B 394 19.79 -28.80 15.75
C LEU B 394 19.67 -30.21 15.16
N VAL B 395 20.67 -30.60 14.38
CA VAL B 395 20.67 -31.92 13.76
C VAL B 395 21.01 -33.02 14.78
N ASP B 396 21.85 -32.70 15.76
CA ASP B 396 22.22 -33.68 16.77
C ASP B 396 20.99 -34.12 17.55
N TYR B 397 20.21 -33.16 18.03
CA TYR B 397 19.01 -33.48 18.81
C TYR B 397 17.73 -33.69 18.01
N GLY B 398 17.62 -33.02 16.86
CA GLY B 398 16.42 -33.12 16.05
C GLY B 398 15.38 -32.12 16.53
N VAL B 399 14.35 -31.89 15.73
CA VAL B 399 13.30 -30.95 16.07
C VAL B 399 12.56 -31.26 17.37
N GLU B 400 11.98 -32.45 17.46
CA GLU B 400 11.23 -32.87 18.65
C GLU B 400 11.94 -32.60 19.96
N ALA B 401 13.20 -33.05 20.06
CA ALA B 401 13.97 -32.88 21.29
C ALA B 401 14.11 -31.41 21.67
N LEU B 402 14.50 -30.56 20.73
CA LEU B 402 14.66 -29.14 21.03
C LEU B 402 13.32 -28.48 21.41
N VAL B 403 12.26 -28.79 20.67
CA VAL B 403 10.96 -28.20 21.01
C VAL B 403 10.61 -28.55 22.44
N ASP B 404 10.79 -29.82 22.81
CA ASP B 404 10.48 -30.27 24.16
C ASP B 404 11.31 -29.50 25.19
N ALA B 405 12.60 -29.36 24.92
CA ALA B 405 13.50 -28.65 25.82
C ALA B 405 13.13 -27.18 25.98
N PHE B 406 12.93 -26.47 24.86
CA PHE B 406 12.58 -25.06 24.94
C PHE B 406 11.20 -24.84 25.56
N SER B 407 10.31 -25.81 25.37
CA SER B 407 8.97 -25.69 25.93
C SER B 407 8.99 -25.88 27.44
N ARG B 408 10.02 -26.52 27.95
CA ARG B 408 10.12 -26.76 29.39
C ARG B 408 10.91 -25.68 30.13
N GLN B 409 11.88 -25.06 29.45
CA GLN B 409 12.66 -24.03 30.13
C GLN B 409 11.96 -22.68 30.20
N PRO B 410 11.87 -22.12 31.41
CA PRO B 410 11.22 -20.82 31.57
C PRO B 410 12.08 -19.69 31.01
N ALA B 411 11.41 -18.67 30.46
CA ALA B 411 12.10 -17.52 29.90
C ALA B 411 12.09 -16.46 30.98
N GLY B 412 12.95 -15.46 30.84
CA GLY B 412 13.03 -14.42 31.84
C GLY B 412 11.98 -13.35 31.72
N ARG B 413 11.67 -12.72 32.85
CA ARG B 413 10.70 -11.64 32.92
C ARG B 413 11.22 -10.48 32.07
N ILE B 414 10.34 -9.90 31.27
CA ILE B 414 10.75 -8.79 30.41
C ILE B 414 10.86 -7.46 31.16
N GLY B 415 9.80 -7.04 31.84
CA GLY B 415 9.81 -5.79 32.59
C GLY B 415 10.39 -5.91 33.98
N GLY B 416 10.55 -4.79 34.68
CA GLY B 416 11.08 -4.83 36.04
C GLY B 416 12.49 -4.31 36.20
N GLY B 417 13.31 -4.48 35.15
CA GLY B 417 14.70 -4.03 35.19
C GLY B 417 15.65 -5.12 35.67
N ARG B 418 16.94 -4.88 35.48
CA ARG B 418 17.98 -5.81 35.92
C ARG B 418 17.72 -7.28 35.59
N ASN B 419 17.47 -7.57 34.33
CA ASN B 419 17.22 -8.96 33.94
C ASN B 419 17.72 -9.35 32.54
N ILE B 420 18.68 -8.61 32.01
CA ILE B 420 19.25 -8.95 30.71
C ILE B 420 20.61 -9.59 30.95
N ASP B 421 20.81 -10.79 30.40
CA ASP B 421 22.06 -11.52 30.57
C ASP B 421 23.23 -10.69 30.04
N HIS B 422 24.35 -10.71 30.76
CA HIS B 422 25.54 -9.95 30.37
C HIS B 422 26.03 -10.26 28.96
N HIS B 423 25.76 -11.48 28.49
CA HIS B 423 26.18 -11.88 27.15
C HIS B 423 25.59 -10.98 26.06
N ILE B 424 24.38 -10.47 26.27
CA ILE B 424 23.76 -9.64 25.25
C ILE B 424 23.39 -8.22 25.70
N LEU B 425 23.87 -7.85 26.87
CA LEU B 425 23.58 -6.52 27.39
C LEU B 425 23.94 -5.45 26.35
N HIS B 426 24.94 -5.73 25.51
CA HIS B 426 25.39 -4.79 24.50
C HIS B 426 24.29 -4.38 23.51
N VAL B 427 23.30 -5.24 23.32
CA VAL B 427 22.19 -4.90 22.43
C VAL B 427 21.44 -3.70 23.00
N ALA B 428 21.08 -3.79 24.28
CA ALA B 428 20.35 -2.72 24.94
C ALA B 428 21.12 -1.40 24.85
N VAL B 429 22.42 -1.46 25.08
CA VAL B 429 23.25 -0.27 25.02
C VAL B 429 23.09 0.39 23.63
N ASP B 430 23.22 -0.42 22.58
CA ASP B 430 23.08 0.11 21.24
C ASP B 430 21.65 0.57 20.94
N VAL B 431 20.66 -0.04 21.57
CA VAL B 431 19.28 0.35 21.33
C VAL B 431 19.11 1.78 21.86
N ILE B 432 19.71 2.04 23.01
CA ILE B 432 19.63 3.35 23.61
C ILE B 432 20.37 4.38 22.76
N LYS B 433 21.51 3.98 22.22
CA LYS B 433 22.28 4.91 21.39
C LYS B 433 21.53 5.21 20.10
N GLU B 434 20.98 4.19 19.47
CA GLU B 434 20.23 4.36 18.23
C GLU B 434 19.04 5.28 18.48
N SER B 435 18.42 5.14 19.64
CA SER B 435 17.27 5.96 20.01
C SER B 435 17.60 7.44 19.95
N ARG B 436 18.77 7.80 20.44
CA ARG B 436 19.20 9.19 20.45
C ARG B 436 19.53 9.66 19.04
N VAL B 437 20.03 8.74 18.22
CA VAL B 437 20.33 9.10 16.84
C VAL B 437 19.00 9.34 16.14
N LEU B 438 18.03 8.47 16.44
CA LEU B 438 16.70 8.59 15.86
C LEU B 438 15.98 9.78 16.50
N ARG B 439 16.54 10.27 17.61
CA ARG B 439 15.96 11.38 18.34
C ARG B 439 14.50 11.13 18.76
N LEU B 440 14.27 9.96 19.34
CA LEU B 440 12.94 9.61 19.82
C LEU B 440 12.50 10.57 20.91
N GLN B 441 11.25 10.99 20.88
CA GLN B 441 10.73 11.90 21.90
C GLN B 441 10.75 11.21 23.26
N PRO B 442 10.54 11.96 24.35
CA PRO B 442 10.56 11.33 25.68
C PRO B 442 9.46 10.32 25.98
N PHE B 443 9.78 9.34 26.82
CA PHE B 443 8.83 8.32 27.20
C PHE B 443 7.47 8.90 27.54
N ASN B 444 7.45 9.97 28.32
CA ASN B 444 6.18 10.59 28.69
C ASN B 444 5.36 11.02 27.49
N GLU B 445 6.01 11.55 26.47
CA GLU B 445 5.30 11.98 25.28
C GLU B 445 4.60 10.78 24.64
N TYR B 446 5.24 9.62 24.68
CA TYR B 446 4.65 8.42 24.09
C TYR B 446 3.51 7.91 24.98
N ARG B 447 3.66 8.06 26.29
CA ARG B 447 2.59 7.65 27.19
C ARG B 447 1.33 8.38 26.72
N LYS B 448 1.46 9.69 26.51
CA LYS B 448 0.33 10.50 26.07
C LYS B 448 -0.14 10.10 24.69
N ARG B 449 0.79 9.90 23.77
CA ARG B 449 0.43 9.52 22.42
C ARG B 449 -0.37 8.21 22.41
N PHE B 450 -0.22 7.40 23.46
CA PHE B 450 -0.95 6.15 23.50
C PHE B 450 -2.08 6.09 24.52
N GLY B 451 -2.57 7.27 24.91
CA GLY B 451 -3.70 7.34 25.83
C GLY B 451 -3.50 7.26 27.31
N MET B 452 -2.27 7.33 27.80
CA MET B 452 -2.03 7.26 29.23
C MET B 452 -1.56 8.62 29.75
N LYS B 453 -1.61 8.80 31.06
CA LYS B 453 -1.16 10.05 31.66
C LYS B 453 0.35 9.93 31.85
N PRO B 454 1.09 11.01 31.66
CA PRO B 454 2.54 10.93 31.83
C PRO B 454 2.90 10.69 33.30
N TYR B 455 4.05 10.07 33.55
CA TYR B 455 4.45 9.84 34.92
C TYR B 455 4.92 11.16 35.51
N THR B 456 4.55 11.43 36.76
CA THR B 456 4.93 12.69 37.40
C THR B 456 6.24 12.60 38.15
N SER B 457 6.81 11.39 38.23
CA SER B 457 8.08 11.19 38.92
C SER B 457 8.62 9.79 38.66
N PHE B 458 9.91 9.59 38.91
CA PHE B 458 10.50 8.29 38.70
C PHE B 458 9.97 7.29 39.72
N GLN B 459 9.57 7.79 40.87
CA GLN B 459 9.05 6.92 41.91
C GLN B 459 7.68 6.36 41.49
N GLU B 460 6.96 7.11 40.67
CA GLU B 460 5.66 6.64 40.18
C GLU B 460 5.90 5.62 39.07
N LEU B 461 6.97 5.85 38.29
CA LEU B 461 7.35 4.97 37.19
C LEU B 461 7.70 3.59 37.72
N THR B 462 8.65 3.55 38.64
CA THR B 462 9.07 2.31 39.28
C THR B 462 8.26 2.26 40.55
N GLY B 463 7.75 1.11 40.92
CA GLY B 463 6.97 1.10 42.15
C GLY B 463 7.84 1.13 43.39
N GLU B 464 9.03 1.71 43.29
CA GLU B 464 9.95 1.73 44.41
C GLU B 464 10.67 3.06 44.63
N LYS B 465 11.67 3.07 45.50
CA LYS B 465 12.40 4.28 45.84
C LYS B 465 13.88 4.38 45.48
N GLU B 466 14.60 3.26 45.49
CA GLU B 466 16.03 3.32 45.21
C GLU B 466 16.42 3.63 43.77
N MET B 467 15.99 2.80 42.83
CA MET B 467 16.32 3.04 41.43
C MET B 467 15.79 4.42 41.02
N ALA B 468 14.56 4.70 41.41
CA ALA B 468 13.93 5.96 41.08
C ALA B 468 14.79 7.17 41.45
N ALA B 469 15.36 7.16 42.64
CA ALA B 469 16.20 8.26 43.12
C ALA B 469 17.47 8.38 42.29
N GLU B 470 18.03 7.24 41.91
CA GLU B 470 19.25 7.26 41.11
C GLU B 470 18.93 7.71 39.67
N LEU B 471 17.79 7.27 39.15
CA LEU B 471 17.39 7.65 37.79
C LEU B 471 17.16 9.15 37.75
N GLU B 472 16.48 9.66 38.77
CA GLU B 472 16.18 11.08 38.85
C GLU B 472 17.45 11.90 38.94
N GLU B 473 18.47 11.35 39.60
CA GLU B 473 19.74 12.05 39.74
C GLU B 473 20.46 12.11 38.40
N LEU B 474 20.26 11.07 37.58
CA LEU B 474 20.90 10.99 36.26
C LEU B 474 20.16 11.78 35.17
N TYR B 475 18.86 11.56 35.05
CA TYR B 475 18.07 12.25 34.04
C TYR B 475 17.69 13.67 34.45
N GLY B 476 17.57 13.88 35.76
CA GLY B 476 17.22 15.19 36.27
C GLY B 476 15.74 15.46 36.25
N ASP B 477 15.03 14.95 35.24
CA ASP B 477 13.59 15.19 35.13
C ASP B 477 12.85 14.02 34.47
N ILE B 478 11.75 13.59 35.07
CA ILE B 478 10.98 12.48 34.54
C ILE B 478 10.63 12.70 33.06
N ASP B 479 10.48 13.97 32.68
CA ASP B 479 10.14 14.29 31.29
C ASP B 479 11.32 14.10 30.34
N ALA B 480 12.45 13.64 30.87
CA ALA B 480 13.63 13.42 30.03
C ALA B 480 13.85 11.91 29.83
N LEU B 481 13.15 11.09 30.61
CA LEU B 481 13.27 9.64 30.52
C LEU B 481 13.05 9.20 29.05
N GLU B 482 13.94 8.36 28.54
CA GLU B 482 13.86 7.92 27.15
C GLU B 482 12.90 6.75 26.94
N PHE B 483 12.49 6.57 25.68
CA PHE B 483 11.55 5.52 25.29
C PHE B 483 11.85 4.11 25.78
N TYR B 484 12.93 3.51 25.29
CA TYR B 484 13.26 2.14 25.67
C TYR B 484 13.46 1.97 27.16
N PRO B 485 14.30 2.80 27.79
CA PRO B 485 14.52 2.67 29.23
C PRO B 485 13.20 2.74 30.00
N GLY B 486 12.32 3.63 29.58
CA GLY B 486 11.04 3.76 30.24
C GLY B 486 10.25 2.47 30.18
N LEU B 487 10.30 1.80 29.03
CA LEU B 487 9.57 0.55 28.84
C LEU B 487 10.04 -0.57 29.76
N LEU B 488 11.35 -0.75 29.87
CA LEU B 488 11.89 -1.83 30.70
C LEU B 488 11.97 -1.54 32.19
N LEU B 489 11.91 -0.27 32.58
CA LEU B 489 12.01 0.04 34.00
C LEU B 489 10.68 0.34 34.68
N GLU B 490 9.61 0.47 33.88
CA GLU B 490 8.30 0.72 34.44
C GLU B 490 7.90 -0.43 35.36
N LYS B 491 7.16 -0.15 36.42
CA LYS B 491 6.71 -1.20 37.32
C LYS B 491 5.77 -2.16 36.58
N CYS B 492 5.91 -3.45 36.84
CA CYS B 492 5.07 -4.45 36.19
C CYS B 492 3.75 -4.65 36.89
N HIS B 493 2.75 -5.07 36.11
CA HIS B 493 1.43 -5.39 36.64
C HIS B 493 1.68 -6.52 37.65
N PRO B 494 0.72 -6.81 38.52
CA PRO B 494 0.85 -7.87 39.53
C PRO B 494 1.89 -8.97 39.23
N ASN B 495 1.44 -10.05 38.60
CA ASN B 495 2.34 -11.14 38.26
C ASN B 495 2.49 -11.19 36.74
N SER B 496 2.75 -10.03 36.15
CA SER B 496 2.88 -9.94 34.71
C SER B 496 4.32 -9.96 34.22
N ILE B 497 4.47 -10.22 32.93
CA ILE B 497 5.78 -10.28 32.29
C ILE B 497 6.34 -8.86 32.04
N PHE B 498 5.46 -7.86 32.02
CA PHE B 498 5.90 -6.48 31.86
C PHE B 498 4.85 -5.44 32.28
N GLY B 499 5.24 -4.17 32.23
CA GLY B 499 4.34 -3.10 32.63
C GLY B 499 3.26 -2.76 31.64
N GLU B 500 2.38 -1.83 32.02
CA GLU B 500 1.29 -1.45 31.16
C GLU B 500 1.73 -0.81 29.85
N SER B 501 2.70 0.08 29.90
CA SER B 501 3.17 0.76 28.69
C SER B 501 3.52 -0.19 27.56
N MET B 502 4.14 -1.32 27.91
CA MET B 502 4.54 -2.30 26.92
C MET B 502 3.32 -2.83 26.17
N ILE B 503 2.20 -2.95 26.88
CA ILE B 503 0.98 -3.44 26.27
C ILE B 503 0.22 -2.31 25.59
N GLU B 504 0.05 -1.20 26.32
CA GLU B 504 -0.67 -0.05 25.80
C GLU B 504 -0.01 0.59 24.59
N MET B 505 1.30 0.40 24.45
CA MET B 505 2.03 0.97 23.32
C MET B 505 2.27 -0.08 22.24
N GLY B 506 2.50 -1.33 22.66
CA GLY B 506 2.75 -2.40 21.72
C GLY B 506 1.53 -3.07 21.07
N ALA B 507 0.43 -3.18 21.81
CA ALA B 507 -0.78 -3.81 21.28
C ALA B 507 -1.22 -3.17 19.98
N PRO B 508 -1.29 -1.82 19.94
CA PRO B 508 -1.70 -1.10 18.73
C PRO B 508 -0.86 -1.51 17.53
N PHE B 509 0.47 -1.41 17.66
CA PHE B 509 1.40 -1.79 16.59
C PHE B 509 1.20 -3.25 16.21
N SER B 510 1.17 -4.12 17.20
CA SER B 510 1.01 -5.55 16.98
C SER B 510 -0.26 -5.95 16.21
N LEU B 511 -1.42 -5.55 16.72
CA LEU B 511 -2.68 -5.91 16.07
C LEU B 511 -2.84 -5.27 14.69
N LYS B 512 -2.39 -4.02 14.55
CA LYS B 512 -2.47 -3.36 13.25
C LYS B 512 -1.60 -4.16 12.28
N GLY B 513 -0.48 -4.67 12.78
CA GLY B 513 0.40 -5.46 11.94
C GLY B 513 -0.29 -6.73 11.50
N LEU B 514 -0.92 -7.42 12.45
CA LEU B 514 -1.61 -8.67 12.16
C LEU B 514 -2.82 -8.54 11.22
N LEU B 515 -3.82 -7.75 11.61
CA LEU B 515 -5.01 -7.61 10.78
C LEU B 515 -4.82 -6.73 9.55
N GLY B 516 -3.83 -5.86 9.57
CA GLY B 516 -3.58 -4.98 8.43
C GLY B 516 -3.05 -5.71 7.22
N ASN B 517 -2.79 -7.00 7.37
CA ASN B 517 -2.28 -7.83 6.29
C ASN B 517 -3.37 -7.97 5.21
N PRO B 518 -2.99 -7.89 3.93
CA PRO B 518 -3.98 -8.01 2.85
C PRO B 518 -4.78 -9.32 2.79
N ILE B 519 -4.28 -10.40 3.41
CA ILE B 519 -5.06 -11.62 3.37
C ILE B 519 -6.23 -11.55 4.34
N CYS B 520 -6.32 -10.48 5.14
CA CYS B 520 -7.40 -10.31 6.10
C CYS B 520 -8.47 -9.39 5.54
N SER B 521 -8.29 -8.95 4.31
CA SER B 521 -9.26 -8.07 3.70
C SER B 521 -10.37 -8.88 3.03
N PRO B 522 -11.52 -8.24 2.78
CA PRO B 522 -12.66 -8.90 2.14
C PRO B 522 -12.29 -9.51 0.78
N GLU B 523 -11.43 -8.84 0.04
CA GLU B 523 -11.02 -9.33 -1.27
C GLU B 523 -10.22 -10.63 -1.22
N TYR B 524 -9.35 -10.77 -0.21
CA TYR B 524 -8.52 -11.96 -0.11
C TYR B 524 -9.05 -13.08 0.76
N TRP B 525 -9.75 -12.73 1.83
CA TRP B 525 -10.26 -13.72 2.77
C TRP B 525 -11.39 -14.58 2.19
N LYS B 526 -11.01 -15.50 1.31
CA LYS B 526 -11.94 -16.40 0.63
C LYS B 526 -11.26 -17.74 0.48
N ALA B 527 -12.04 -18.81 0.40
CA ALA B 527 -11.47 -20.14 0.25
C ALA B 527 -10.60 -20.27 -0.99
N SER B 528 -11.02 -19.69 -2.10
CA SER B 528 -10.24 -19.81 -3.32
C SER B 528 -8.83 -19.26 -3.18
N THR B 529 -8.66 -18.22 -2.37
CA THR B 529 -7.34 -17.63 -2.16
C THR B 529 -6.38 -18.68 -1.61
N PHE B 530 -6.88 -19.56 -0.75
CA PHE B 530 -6.04 -20.58 -0.15
C PHE B 530 -6.16 -21.96 -0.76
N GLY B 531 -6.60 -22.01 -2.02
CA GLY B 531 -6.70 -23.29 -2.71
C GLY B 531 -7.95 -24.09 -2.44
N GLY B 532 -8.88 -23.52 -1.68
CA GLY B 532 -10.10 -24.23 -1.39
C GLY B 532 -10.36 -24.40 0.09
N GLU B 533 -11.43 -25.11 0.41
CA GLU B 533 -11.83 -25.35 1.79
C GLU B 533 -10.74 -26.01 2.62
N VAL B 534 -9.98 -26.92 2.02
CA VAL B 534 -8.91 -27.60 2.72
C VAL B 534 -7.83 -26.59 3.16
N GLY B 535 -7.42 -25.72 2.24
CA GLY B 535 -6.42 -24.74 2.57
C GLY B 535 -6.92 -23.71 3.54
N PHE B 536 -8.17 -23.28 3.35
CA PHE B 536 -8.77 -22.28 4.22
C PHE B 536 -8.85 -22.79 5.66
N ASN B 537 -9.20 -24.07 5.83
CA ASN B 537 -9.29 -24.62 7.17
C ASN B 537 -7.93 -24.78 7.85
N LEU B 538 -6.88 -24.98 7.05
CA LEU B 538 -5.56 -25.09 7.63
C LEU B 538 -5.27 -23.78 8.36
N VAL B 539 -5.67 -22.67 7.76
CA VAL B 539 -5.48 -21.37 8.38
C VAL B 539 -6.37 -21.23 9.61
N LYS B 540 -7.67 -21.42 9.42
CA LYS B 540 -8.64 -21.31 10.50
C LYS B 540 -8.42 -22.17 11.73
N THR B 541 -7.80 -23.33 11.56
CA THR B 541 -7.58 -24.22 12.69
C THR B 541 -6.11 -24.39 13.04
N ALA B 542 -5.25 -23.52 12.49
CA ALA B 542 -3.82 -23.59 12.77
C ALA B 542 -3.57 -23.62 14.29
N THR B 543 -2.50 -24.29 14.67
CA THR B 543 -2.16 -24.42 16.09
C THR B 543 -0.67 -24.65 16.23
N LEU B 544 -0.10 -24.22 17.34
CA LEU B 544 1.33 -24.39 17.58
C LEU B 544 1.65 -25.88 17.61
N LYS B 545 0.88 -26.62 18.40
CA LYS B 545 1.06 -28.06 18.55
C LYS B 545 1.03 -28.75 17.18
N LYS B 546 0.07 -28.37 16.34
CA LYS B 546 -0.05 -28.96 15.01
C LYS B 546 1.09 -28.53 14.09
N LEU B 547 1.55 -27.30 14.25
CA LEU B 547 2.64 -26.80 13.42
C LEU B 547 3.85 -27.70 13.59
N VAL B 548 4.10 -28.10 14.84
CA VAL B 548 5.22 -28.96 15.17
C VAL B 548 4.96 -30.44 14.90
N CYS B 549 3.99 -30.99 15.62
CA CYS B 549 3.64 -32.41 15.55
C CYS B 549 3.18 -32.98 14.21
N LEU B 550 2.62 -32.14 13.34
CA LEU B 550 2.20 -32.64 12.04
C LEU B 550 3.42 -32.66 11.12
N ASN B 551 4.58 -32.31 11.66
CA ASN B 551 5.83 -32.28 10.88
C ASN B 551 7.02 -33.00 11.54
N THR B 552 6.78 -33.65 12.67
CA THR B 552 7.82 -34.39 13.38
C THR B 552 7.46 -35.87 13.53
N LYS B 553 8.46 -36.73 13.73
CA LYS B 553 8.21 -38.15 13.90
C LYS B 553 7.35 -38.41 15.14
N THR B 554 7.73 -37.79 16.25
CA THR B 554 6.95 -37.96 17.48
C THR B 554 6.51 -36.58 17.95
N CYS B 555 5.50 -36.55 18.82
CA CYS B 555 4.97 -35.31 19.34
C CYS B 555 5.43 -35.06 20.77
N PRO B 556 6.31 -34.07 20.98
CA PRO B 556 6.81 -33.74 22.32
C PRO B 556 5.88 -32.76 23.02
N TYR B 557 6.29 -32.28 24.19
CA TYR B 557 5.49 -31.30 24.90
C TYR B 557 5.73 -29.98 24.16
N VAL B 558 4.69 -29.44 23.53
CA VAL B 558 4.84 -28.20 22.78
C VAL B 558 3.85 -27.14 23.26
N SER B 559 4.39 -26.00 23.69
CA SER B 559 3.58 -24.91 24.21
C SER B 559 4.42 -23.66 24.40
N PHE B 560 3.75 -22.52 24.57
CA PHE B 560 4.41 -21.24 24.80
C PHE B 560 4.45 -21.05 26.32
N HIS B 561 3.92 -22.03 27.03
CA HIS B 561 3.84 -21.99 28.49
C HIS B 561 4.54 -23.20 29.08
N VAL B 562 5.30 -22.97 30.14
CA VAL B 562 6.02 -24.03 30.84
C VAL B 562 5.03 -25.06 31.43
N PRO B 563 5.41 -26.34 31.45
CA PRO B 563 4.53 -27.38 32.00
C PRO B 563 4.38 -27.23 33.51
#